data_8VGA
#
_entry.id   8VGA
#
_cell.length_a   109.055
_cell.length_b   61.468
_cell.length_c   111.871
_cell.angle_alpha   90.000
_cell.angle_beta   115.230
_cell.angle_gamma   90.000
#
_symmetry.space_group_name_H-M   'P 1 21 1'
#
loop_
_entity.id
_entity.type
_entity.pdbx_description
1 polymer 'Guanine nucleotide-binding protein alpha subunit'
2 non-polymer 'MAGNESIUM ION'
3 non-polymer "5'-GUANOSINE-DIPHOSPHATE-MONOTHIOPHOSPHATE"
4 water water
#
_entity_poly.entity_id   1
_entity_poly.type   'polypeptide(L)'
_entity_poly.pdbx_seq_one_letter_code
;MGSLCSKGQPVAQEEDEERERELTRQLKQEDRIEKNVYKLLLLGSGESGKSTIFKQIKLLYNTGFGVEELKNYTPVIHAN
VYQAIKILYEGCLDLQKKDVSGEYTMRRENMEHGKRIAEIGDGVDYHPIGLLESDLIAQIWSDPAIQATYRKANELQLPD
CTEYFLSGVDRLAKPDYIPTEEDILHARVRTTGIADVVFKHDGHTYRVFDVGGQRNERRKWLHLFDGVKAVIFCAALSEY
DQNLFEDEGKNRMVETMELFESVLRHPSFEKTSFLVFLNKYDIFRKKVLSVPLNVCEVFRDYNEVQGDQERKISHALQYI
KNKFDEIYKRNTPGLGTQRLCWLFETTALDPRIMKYTFELVDKNLVVSSISLL
;
_entity_poly.pdbx_strand_id   A,B
#
loop_
_chem_comp.id
_chem_comp.type
_chem_comp.name
_chem_comp.formula
GSP non-polymer 5'-GUANOSINE-DIPHOSPHATE-MONOTHIOPHOSPHATE 'C10 H16 N5 O13 P3 S'
MG non-polymer 'MAGNESIUM ION' 'Mg 2'
#
# COMPACT_ATOMS: atom_id res chain seq x y z
N ASN A 36 -21.91 8.27 46.27
CA ASN A 36 -21.41 7.02 45.70
C ASN A 36 -21.15 7.16 44.21
N VAL A 37 -19.86 7.17 43.85
CA VAL A 37 -19.38 7.60 42.53
C VAL A 37 -18.63 6.46 41.87
N TYR A 38 -19.06 6.08 40.68
CA TYR A 38 -18.46 4.96 39.95
C TYR A 38 -17.28 5.47 39.12
N LYS A 39 -16.10 4.90 39.38
CA LYS A 39 -14.85 5.36 38.76
C LYS A 39 -14.58 4.65 37.45
N LEU A 40 -14.40 5.42 36.39
CA LEU A 40 -14.00 4.91 35.09
C LEU A 40 -12.56 5.32 34.80
N LEU A 41 -11.84 4.45 34.10
CA LEU A 41 -10.41 4.62 33.87
C LEU A 41 -10.13 4.45 32.39
N LEU A 42 -9.63 5.52 31.77
CA LEU A 42 -9.23 5.47 30.37
C LEU A 42 -7.79 4.96 30.27
N LEU A 43 -7.61 3.87 29.54
CA LEU A 43 -6.30 3.27 29.37
C LEU A 43 -6.10 2.95 27.90
N GLY A 44 -4.84 2.89 27.51
CA GLY A 44 -4.45 2.52 26.16
C GLY A 44 -3.12 3.16 25.85
N SER A 45 -2.52 2.74 24.74
CA SER A 45 -1.21 3.26 24.38
C SER A 45 -1.33 4.69 23.86
N GLY A 46 -0.19 5.29 23.55
CA GLY A 46 -0.20 6.71 23.24
C GLY A 46 -0.87 6.98 21.92
N GLU A 47 -1.65 8.07 21.89
CA GLU A 47 -2.49 8.47 20.77
C GLU A 47 -3.54 7.43 20.38
N SER A 48 -3.98 6.56 21.30
CA SER A 48 -5.09 5.67 21.01
C SER A 48 -6.42 6.42 20.99
N GLY A 49 -6.50 7.56 21.67
CA GLY A 49 -7.68 8.41 21.67
C GLY A 49 -8.25 8.75 23.05
N LYS A 50 -7.58 8.36 24.13
CA LYS A 50 -8.15 8.51 25.48
C LYS A 50 -8.55 9.94 25.80
N SER A 51 -7.69 10.92 25.48
CA SER A 51 -8.04 12.29 25.78
C SER A 51 -9.18 12.80 24.88
N THR A 52 -9.23 12.37 23.62
CA THR A 52 -10.35 12.76 22.77
C THR A 52 -11.67 12.22 23.31
N ILE A 53 -11.67 10.98 23.81
CA ILE A 53 -12.86 10.44 24.45
C ILE A 53 -13.19 11.24 25.70
N PHE A 54 -12.14 11.60 26.47
CA PHE A 54 -12.30 12.40 27.68
C PHE A 54 -13.01 13.72 27.39
N LYS A 55 -12.58 14.45 26.35
CA LYS A 55 -13.27 15.69 25.97
C LYS A 55 -14.69 15.39 25.51
N GLN A 56 -14.85 14.31 24.73
CA GLN A 56 -16.16 13.93 24.21
C GLN A 56 -17.14 13.68 25.35
N ILE A 57 -16.66 13.11 26.46
CA ILE A 57 -17.50 12.91 27.63
C ILE A 57 -17.92 14.26 28.20
N LYS A 58 -16.99 15.21 28.30
CA LYS A 58 -17.34 16.55 28.77
C LYS A 58 -18.37 17.20 27.85
N LEU A 59 -18.25 16.97 26.54
CA LEU A 59 -19.16 17.62 25.63
C LEU A 59 -20.56 17.03 25.72
N LEU A 60 -20.66 15.71 25.86
CA LEU A 60 -21.96 15.05 25.83
C LEU A 60 -22.70 15.15 27.16
N TYR A 61 -22.01 14.88 28.28
CA TYR A 61 -22.68 14.73 29.57
C TYR A 61 -22.67 15.97 30.44
N ASN A 62 -21.73 16.88 30.23
CA ASN A 62 -21.73 18.18 30.92
C ASN A 62 -21.81 19.27 29.87
N THR A 63 -21.65 20.51 30.34
CA THR A 63 -20.83 21.48 29.63
C THR A 63 -19.40 21.21 30.05
N GLY A 64 -18.50 21.02 29.10
CA GLY A 64 -18.67 21.46 27.73
C GLY A 64 -17.65 22.58 27.65
N PHE A 65 -17.67 23.36 26.59
CA PHE A 65 -16.77 24.49 26.45
C PHE A 65 -17.55 25.62 25.81
N GLY A 66 -17.42 26.82 26.34
CA GLY A 66 -16.41 27.17 27.31
C GLY A 66 -15.48 28.14 26.61
N VAL A 67 -16.04 29.26 26.14
CA VAL A 67 -15.38 30.10 25.14
C VAL A 67 -14.03 30.62 25.63
N GLU A 68 -13.92 30.91 26.93
CA GLU A 68 -12.60 31.25 27.47
C GLU A 68 -11.66 30.06 27.37
N GLU A 69 -12.13 28.87 27.76
CA GLU A 69 -11.29 27.68 27.68
C GLU A 69 -11.10 27.20 26.25
N LEU A 70 -12.03 27.51 25.34
CA LEU A 70 -11.80 27.25 23.92
C LEU A 70 -10.65 28.12 23.41
N LYS A 71 -10.58 29.37 23.84
CA LYS A 71 -9.50 30.22 23.37
C LYS A 71 -8.15 29.75 23.88
N ASN A 72 -8.10 29.10 25.06
CA ASN A 72 -6.82 28.59 25.54
C ASN A 72 -6.28 27.45 24.70
N TYR A 73 -7.06 26.91 23.77
CA TYR A 73 -6.59 25.88 22.86
C TYR A 73 -5.94 26.45 21.59
N THR A 74 -6.06 27.75 21.33
CA THR A 74 -5.38 28.35 20.19
C THR A 74 -3.87 28.09 20.20
N PRO A 75 -3.12 28.33 21.29
CA PRO A 75 -1.67 28.01 21.25
C PRO A 75 -1.39 26.56 20.98
N VAL A 76 -2.22 25.64 21.49
CA VAL A 76 -2.02 24.22 21.21
C VAL A 76 -2.20 23.94 19.74
N ILE A 77 -3.26 24.50 19.16
CA ILE A 77 -3.57 24.22 17.75
C ILE A 77 -2.45 24.76 16.87
N HIS A 78 -1.97 25.97 17.19
CA HIS A 78 -0.87 26.54 16.42
C HIS A 78 0.39 25.69 16.56
N ALA A 79 0.69 25.27 17.79
CA ALA A 79 1.83 24.38 18.00
C ALA A 79 1.71 23.11 17.15
N ASN A 80 0.49 22.54 17.05
CA ASN A 80 0.31 21.32 16.24
C ASN A 80 0.65 21.57 14.79
N VAL A 81 0.24 22.74 14.27
CA VAL A 81 0.51 23.12 12.89
C VAL A 81 2.01 23.24 12.67
N TYR A 82 2.69 24.02 13.52
CA TYR A 82 4.14 24.15 13.43
C TYR A 82 4.82 22.80 13.46
N GLN A 83 4.35 21.89 14.31
CA GLN A 83 4.96 20.58 14.44
C GLN A 83 4.71 19.71 13.20
N ALA A 84 3.52 19.83 12.59
CA ALA A 84 3.26 19.06 11.38
C ALA A 84 4.16 19.51 10.24
N ILE A 85 4.31 20.83 10.06
CA ILE A 85 5.19 21.35 9.01
C ILE A 85 6.62 20.89 9.24
N LYS A 86 7.06 20.91 10.50
CA LYS A 86 8.42 20.48 10.81
C LYS A 86 8.63 19.03 10.40
N ILE A 87 7.69 18.16 10.77
CA ILE A 87 7.89 16.74 10.50
C ILE A 87 7.75 16.45 9.01
N LEU A 88 6.83 17.14 8.33
CA LEU A 88 6.73 17.01 6.88
C LEU A 88 8.01 17.50 6.20
N TYR A 89 8.52 18.66 6.63
CA TYR A 89 9.68 19.24 5.97
C TYR A 89 10.92 18.39 6.20
N GLU A 90 11.12 17.91 7.42
CA GLU A 90 12.27 17.06 7.68
C GLU A 90 12.12 15.69 7.02
N GLY A 91 10.91 15.14 7.06
CA GLY A 91 10.68 13.86 6.42
C GLY A 91 10.82 13.92 4.91
N CYS A 92 10.37 15.03 4.31
CA CYS A 92 10.59 15.24 2.88
C CYS A 92 12.07 15.25 2.54
N LEU A 93 12.87 15.97 3.34
CA LEU A 93 14.31 16.04 3.09
C LEU A 93 14.96 14.67 3.22
N ASP A 94 14.50 13.86 4.16
CA ASP A 94 15.06 12.51 4.28
C ASP A 94 14.60 11.61 3.15
N LEU A 95 13.32 11.68 2.77
CA LEU A 95 12.80 10.91 1.65
C LEU A 95 13.49 11.30 0.34
N GLN A 96 14.00 12.53 0.24
CA GLN A 96 14.76 12.91 -0.93
C GLN A 96 16.18 12.35 -0.88
N LYS A 97 16.74 12.20 0.31
CA LYS A 97 18.06 11.59 0.45
C LYS A 97 18.04 10.15 -0.06
N LYS A 98 16.97 9.40 0.27
CA LYS A 98 16.86 8.00 -0.15
C LYS A 98 16.53 7.88 -1.63
N ASP A 99 15.81 8.84 -2.19
CA ASP A 99 15.23 8.72 -3.54
C ASP A 99 15.33 10.09 -4.20
N VAL A 100 16.30 10.25 -5.10
CA VAL A 100 16.34 11.44 -5.94
C VAL A 100 15.74 11.08 -7.28
N SER A 101 14.42 10.77 -7.27
CA SER A 101 13.70 10.53 -8.51
C SER A 101 13.60 11.78 -9.39
N GLY A 102 13.16 12.93 -8.85
CA GLY A 102 12.85 13.18 -7.45
C GLY A 102 11.41 13.52 -7.11
N GLU A 103 10.63 12.48 -6.81
CA GLU A 103 9.28 12.66 -6.31
C GLU A 103 9.24 13.42 -5.00
N TYR A 104 10.36 13.50 -4.28
CA TYR A 104 10.38 14.12 -2.96
C TYR A 104 11.24 15.38 -2.93
N THR A 105 11.39 16.08 -4.06
CA THR A 105 12.16 17.32 -4.11
C THR A 105 11.19 18.50 -4.14
N MET A 106 11.22 19.33 -3.10
CA MET A 106 10.36 20.50 -3.01
C MET A 106 10.87 21.63 -3.91
N ARG A 107 9.94 22.47 -4.34
CA ARG A 107 10.29 23.77 -4.93
C ARG A 107 11.21 24.53 -3.98
N ARG A 108 12.31 25.06 -4.51
CA ARG A 108 13.30 25.68 -3.64
C ARG A 108 12.68 26.79 -2.78
N GLU A 109 11.67 27.50 -3.30
CA GLU A 109 10.95 28.46 -2.47
C GLU A 109 10.33 27.79 -1.23
N ASN A 110 9.61 26.68 -1.43
CA ASN A 110 8.97 26.04 -0.29
C ASN A 110 9.98 25.33 0.60
N MET A 111 11.14 24.95 0.07
CA MET A 111 12.19 24.45 0.95
C MET A 111 12.63 25.52 1.94
N GLU A 112 12.77 26.76 1.49
CA GLU A 112 13.15 27.84 2.41
C GLU A 112 12.02 28.16 3.37
N HIS A 113 10.79 28.31 2.87
CA HIS A 113 9.66 28.56 3.76
C HIS A 113 9.54 27.45 4.82
N GLY A 114 9.67 26.19 4.40
CA GLY A 114 9.63 25.10 5.35
C GLY A 114 10.66 25.24 6.47
N LYS A 115 11.86 25.74 6.12
CA LYS A 115 12.87 25.91 7.14
C LYS A 115 12.50 27.01 8.14
N ARG A 116 12.01 28.17 7.64
CA ARG A 116 11.70 29.25 8.57
C ARG A 116 10.52 28.91 9.46
N ILE A 117 9.47 28.30 8.90
CA ILE A 117 8.31 27.93 9.71
C ILE A 117 8.70 26.90 10.77
N ALA A 118 9.55 25.92 10.42
CA ALA A 118 9.95 24.95 11.42
C ALA A 118 10.81 25.59 12.51
N GLU A 119 11.60 26.62 12.18
CA GLU A 119 12.40 27.27 13.21
C GLU A 119 11.56 28.13 14.14
N ILE A 120 10.39 28.60 13.69
CA ILE A 120 9.46 29.30 14.57
C ILE A 120 8.90 28.35 15.61
N GLY A 121 8.48 27.15 15.19
CA GLY A 121 7.99 26.17 16.14
C GLY A 121 9.02 25.79 17.19
N ASP A 122 10.27 25.57 16.76
CA ASP A 122 11.33 25.17 17.68
C ASP A 122 11.76 26.30 18.59
N GLY A 123 11.40 27.54 18.26
CA GLY A 123 11.77 28.65 19.10
C GLY A 123 10.94 28.70 20.37
N VAL A 124 11.55 29.24 21.43
CA VAL A 124 10.87 29.37 22.71
C VAL A 124 10.08 30.67 22.79
N ASP A 125 10.22 31.55 21.79
CA ASP A 125 9.67 32.90 21.83
C ASP A 125 8.18 32.94 22.16
N TYR A 126 7.31 32.62 21.20
CA TYR A 126 5.85 32.62 21.39
C TYR A 126 5.14 32.42 20.05
N HIS A 127 5.05 33.51 19.30
CA HIS A 127 4.77 33.59 17.87
C HIS A 127 3.53 32.86 17.36
N PRO A 128 2.32 33.37 17.63
CA PRO A 128 1.12 32.79 17.03
C PRO A 128 1.20 32.79 15.50
N ILE A 129 0.29 32.04 14.90
CA ILE A 129 0.19 31.97 13.45
C ILE A 129 -0.67 33.13 12.99
N GLY A 130 -0.03 34.12 12.35
CA GLY A 130 -0.73 35.21 11.71
C GLY A 130 -0.90 34.96 10.23
N LEU A 131 -1.26 36.03 9.51
CA LEU A 131 -1.66 35.88 8.11
C LEU A 131 -0.48 35.54 7.21
N LEU A 132 0.68 36.14 7.45
CA LEU A 132 1.84 35.79 6.63
C LEU A 132 2.32 34.38 6.93
N GLU A 133 2.17 33.92 8.18
CA GLU A 133 2.50 32.55 8.53
C GLU A 133 1.59 31.56 7.81
N SER A 134 0.28 31.81 7.87
CA SER A 134 -0.66 30.89 7.24
C SER A 134 -0.44 30.82 5.73
N ASP A 135 -0.06 31.95 5.10
CA ASP A 135 0.18 31.92 3.67
C ASP A 135 1.34 31.01 3.32
N LEU A 136 2.40 31.05 4.13
CA LEU A 136 3.55 30.19 3.83
C LEU A 136 3.24 28.75 4.14
N ILE A 137 2.61 28.50 5.29
CA ILE A 137 2.19 27.14 5.65
C ILE A 137 1.30 26.53 4.56
N ALA A 138 0.29 27.27 4.13
CA ALA A 138 -0.53 26.82 3.01
C ALA A 138 0.32 26.50 1.78
N GLN A 139 1.33 27.33 1.51
CA GLN A 139 2.13 27.13 0.30
C GLN A 139 2.99 25.86 0.43
N ILE A 140 3.57 25.63 1.60
CA ILE A 140 4.27 24.38 1.88
C ILE A 140 3.34 23.19 1.67
N TRP A 141 2.17 23.24 2.32
CA TRP A 141 1.23 22.12 2.28
C TRP A 141 0.78 21.80 0.86
N SER A 142 0.87 22.76 -0.06
CA SER A 142 0.47 22.54 -1.45
C SER A 142 1.61 22.03 -2.32
N ASP A 143 2.84 21.99 -1.82
CA ASP A 143 3.93 21.50 -2.66
C ASP A 143 3.73 20.03 -2.95
N PRO A 144 3.91 19.58 -4.20
CA PRO A 144 3.71 18.14 -4.49
C PRO A 144 4.63 17.22 -3.71
N ALA A 145 5.87 17.64 -3.43
CA ALA A 145 6.76 16.80 -2.64
C ALA A 145 6.28 16.66 -1.20
N ILE A 146 5.63 17.70 -0.67
CA ILE A 146 5.08 17.61 0.68
C ILE A 146 3.91 16.63 0.70
N GLN A 147 3.07 16.65 -0.35
CA GLN A 147 1.95 15.72 -0.40
C GLN A 147 2.42 14.28 -0.60
N ALA A 148 3.48 14.07 -1.37
CA ALA A 148 4.10 12.75 -1.45
C ALA A 148 4.61 12.31 -0.08
N THR A 149 5.30 13.21 0.63
CA THR A 149 5.72 12.92 1.99
C THR A 149 4.51 12.63 2.89
N TYR A 150 3.43 13.39 2.72
CA TYR A 150 2.26 13.17 3.56
C TYR A 150 1.62 11.81 3.30
N ARG A 151 1.73 11.32 2.06
CA ARG A 151 1.27 9.98 1.76
C ARG A 151 2.11 8.91 2.44
N LYS A 152 3.25 9.28 3.04
CA LYS A 152 4.04 8.37 3.84
C LYS A 152 4.00 8.74 5.33
N ALA A 153 2.89 9.34 5.77
CA ALA A 153 2.74 9.72 7.17
C ALA A 153 2.92 8.55 8.13
N ASN A 154 2.59 7.33 7.70
CA ASN A 154 2.72 6.21 8.62
C ASN A 154 4.17 5.95 9.01
N GLU A 155 5.12 6.25 8.11
CA GLU A 155 6.56 6.19 8.39
C GLU A 155 7.07 7.39 9.18
N LEU A 156 6.27 8.44 9.27
CA LEU A 156 6.60 9.63 10.02
C LEU A 156 5.89 9.56 11.36
N GLN A 157 6.14 10.55 12.21
CA GLN A 157 5.42 10.69 13.46
C GLN A 157 4.60 11.97 13.39
N LEU A 158 3.70 11.96 12.48
CA LEU A 158 2.86 13.06 12.07
C LEU A 158 1.57 13.06 12.90
N PRO A 159 1.25 14.17 13.56
CA PRO A 159 -0.03 14.25 14.29
C PRO A 159 -1.22 13.95 13.37
N ASP A 160 -2.22 13.28 13.94
CA ASP A 160 -3.37 12.87 13.11
C ASP A 160 -4.15 14.06 12.57
N CYS A 161 -4.18 15.16 13.30
CA CYS A 161 -4.89 16.38 12.91
C CYS A 161 -4.20 17.16 11.77
N THR A 162 -3.15 16.61 11.18
CA THR A 162 -2.33 17.38 10.25
C THR A 162 -3.16 17.94 9.12
N GLU A 163 -3.83 17.05 8.38
CA GLU A 163 -4.57 17.46 7.21
C GLU A 163 -5.76 18.34 7.58
N TYR A 164 -6.41 18.04 8.71
CA TYR A 164 -7.51 18.89 9.15
C TYR A 164 -7.05 20.33 9.40
N PHE A 165 -5.90 20.50 10.08
CA PHE A 165 -5.49 21.86 10.46
C PHE A 165 -4.79 22.58 9.31
N LEU A 166 -3.93 21.89 8.56
CA LEU A 166 -3.21 22.54 7.47
C LEU A 166 -4.17 22.98 6.38
N SER A 167 -5.19 22.16 6.08
N SER A 167 -5.20 22.18 6.08
CA SER A 167 -6.19 22.58 5.10
CA SER A 167 -6.16 22.60 5.08
C SER A 167 -6.93 23.81 5.57
C SER A 167 -7.04 23.74 5.58
N GLY A 168 -7.11 23.95 6.90
CA GLY A 168 -7.86 25.07 7.43
C GLY A 168 -6.97 26.12 8.06
N VAL A 169 -5.74 26.24 7.56
CA VAL A 169 -4.78 27.10 8.24
C VAL A 169 -5.22 28.56 8.19
N ASP A 170 -5.87 28.99 7.10
CA ASP A 170 -6.28 30.40 7.02
C ASP A 170 -7.30 30.75 8.10
N ARG A 171 -8.25 29.86 8.38
CA ARG A 171 -9.23 30.12 9.42
C ARG A 171 -8.56 30.30 10.79
N LEU A 172 -7.59 29.44 11.13
CA LEU A 172 -6.88 29.50 12.40
C LEU A 172 -5.98 30.73 12.53
N ALA A 173 -5.74 31.46 11.44
CA ALA A 173 -4.85 32.59 11.47
C ALA A 173 -5.55 33.92 11.64
N LYS A 174 -6.88 33.94 11.57
CA LYS A 174 -7.61 35.20 11.69
C LYS A 174 -7.50 35.73 13.10
N PRO A 175 -7.45 37.06 13.28
CA PRO A 175 -7.29 37.60 14.63
C PRO A 175 -8.48 37.36 15.54
N ASP A 176 -9.68 37.21 14.99
CA ASP A 176 -10.86 36.91 15.78
C ASP A 176 -11.13 35.42 15.89
N TYR A 177 -10.12 34.59 15.66
CA TYR A 177 -10.36 33.15 15.58
C TYR A 177 -10.57 32.59 16.98
N ILE A 178 -11.73 31.98 17.18
CA ILE A 178 -12.02 31.16 18.36
C ILE A 178 -12.11 29.70 17.90
N PRO A 179 -11.34 28.79 18.49
CA PRO A 179 -11.50 27.37 18.17
C PRO A 179 -12.93 26.89 18.33
N THR A 180 -13.38 26.10 17.36
CA THR A 180 -14.62 25.35 17.50
C THR A 180 -14.42 24.09 18.34
N GLU A 181 -15.54 23.51 18.77
CA GLU A 181 -15.46 22.27 19.54
C GLU A 181 -14.84 21.15 18.71
N GLU A 182 -15.10 21.15 17.40
CA GLU A 182 -14.40 20.23 16.51
C GLU A 182 -12.88 20.43 16.57
N ASP A 183 -12.43 21.70 16.55
CA ASP A 183 -11.00 22.00 16.66
C ASP A 183 -10.40 21.42 17.95
N ILE A 184 -11.11 21.56 19.08
CA ILE A 184 -10.63 21.07 20.38
C ILE A 184 -10.47 19.55 20.34
N LEU A 185 -11.38 18.84 19.67
CA LEU A 185 -11.27 17.39 19.60
C LEU A 185 -10.10 16.96 18.72
N HIS A 186 -9.80 17.72 17.66
CA HIS A 186 -8.66 17.42 16.81
C HIS A 186 -7.33 17.78 17.46
N ALA A 187 -7.32 18.80 18.32
CA ALA A 187 -6.08 19.31 18.89
C ALA A 187 -5.38 18.21 19.69
N ARG A 188 -4.06 18.20 19.60
CA ARG A 188 -3.22 17.10 20.04
C ARG A 188 -2.31 17.61 21.17
N VAL A 189 -2.54 17.12 22.38
CA VAL A 189 -1.72 17.39 23.54
C VAL A 189 -1.27 16.05 24.11
N ARG A 190 0.04 15.86 24.19
CA ARG A 190 0.57 14.61 24.72
C ARG A 190 0.39 14.62 26.24
N THR A 191 -0.51 13.76 26.75
CA THR A 191 -0.88 13.81 28.16
C THR A 191 0.27 13.37 29.08
N THR A 192 0.55 14.17 30.11
CA THR A 192 1.63 13.84 31.04
C THR A 192 1.24 14.01 32.50
N GLY A 193 -0.02 14.25 32.81
CA GLY A 193 -0.48 14.20 34.19
C GLY A 193 -1.66 13.25 34.33
N ILE A 194 -2.37 13.38 35.45
CA ILE A 194 -3.66 12.72 35.67
C ILE A 194 -4.72 13.80 35.60
N ALA A 195 -5.81 13.50 34.94
CA ALA A 195 -6.95 14.39 34.91
C ALA A 195 -8.20 13.58 35.17
N ASP A 196 -9.20 14.22 35.75
CA ASP A 196 -10.47 13.55 36.02
C ASP A 196 -11.60 14.55 35.89
N VAL A 197 -12.78 14.02 35.59
CA VAL A 197 -13.99 14.81 35.59
C VAL A 197 -15.11 13.91 36.08
N VAL A 198 -16.04 14.49 36.85
CA VAL A 198 -17.26 13.78 37.24
C VAL A 198 -18.39 14.25 36.34
N PHE A 199 -19.33 13.34 36.10
CA PHE A 199 -20.51 13.66 35.32
C PHE A 199 -21.65 12.75 35.76
N LYS A 200 -22.87 13.13 35.42
CA LYS A 200 -24.07 12.39 35.81
C LYS A 200 -24.89 12.01 34.59
N HIS A 201 -25.32 10.75 34.57
CA HIS A 201 -26.37 10.31 33.67
C HIS A 201 -27.28 9.37 34.45
N ASP A 202 -28.58 9.51 34.21
CA ASP A 202 -29.60 8.95 35.11
C ASP A 202 -29.38 9.58 36.48
N GLY A 203 -29.57 8.83 37.56
CA GLY A 203 -29.24 9.35 38.88
C GLY A 203 -27.87 8.89 39.30
N HIS A 204 -27.03 8.52 38.32
CA HIS A 204 -25.74 7.90 38.57
C HIS A 204 -24.63 8.91 38.36
N THR A 205 -23.70 8.95 39.30
CA THR A 205 -22.53 9.79 39.22
C THR A 205 -21.33 8.97 38.77
N TYR A 206 -20.53 9.55 37.88
CA TYR A 206 -19.33 8.91 37.39
C TYR A 206 -18.14 9.83 37.61
N ARG A 207 -16.95 9.23 37.69
CA ARG A 207 -15.71 9.99 37.64
C ARG A 207 -14.76 9.22 36.74
N VAL A 208 -14.42 9.83 35.62
CA VAL A 208 -13.55 9.22 34.61
C VAL A 208 -12.18 9.86 34.73
N PHE A 209 -11.14 9.04 34.64
CA PHE A 209 -9.76 9.50 34.76
C PHE A 209 -9.07 9.35 33.42
N ASP A 210 -8.33 10.38 33.04
CA ASP A 210 -7.51 10.39 31.84
C ASP A 210 -6.04 10.36 32.25
N VAL A 211 -5.26 9.52 31.60
CA VAL A 211 -3.84 9.41 31.88
C VAL A 211 -3.12 9.18 30.56
N GLY A 212 -1.85 9.55 30.51
CA GLY A 212 -1.06 9.33 29.32
C GLY A 212 -0.78 7.84 29.10
N GLY A 213 -0.61 7.48 27.83
CA GLY A 213 -0.41 6.11 27.41
C GLY A 213 0.93 5.82 26.77
N GLN A 214 1.75 6.84 26.57
CA GLN A 214 3.10 6.56 26.14
C GLN A 214 3.83 5.79 27.23
N ARG A 215 4.83 5.02 26.82
CA ARG A 215 5.53 4.11 27.75
C ARG A 215 5.96 4.80 29.04
N ASN A 216 6.56 6.01 28.96
CA ASN A 216 7.07 6.64 30.18
C ASN A 216 5.96 7.00 31.16
N GLU A 217 4.76 7.25 30.66
CA GLU A 217 3.67 7.65 31.52
C GLU A 217 3.00 6.48 32.23
N ARG A 218 3.35 5.24 31.89
CA ARG A 218 2.62 4.08 32.39
C ARG A 218 2.98 3.67 33.83
N ARG A 219 4.14 4.10 34.35
CA ARG A 219 4.40 4.03 35.80
C ARG A 219 3.20 4.53 36.59
N LYS A 220 2.57 5.61 36.09
CA LYS A 220 1.51 6.32 36.77
C LYS A 220 0.19 5.57 36.80
N TRP A 221 0.03 4.54 35.98
CA TRP A 221 -1.25 3.85 35.99
C TRP A 221 -1.49 3.11 37.30
N LEU A 222 -0.43 2.53 37.91
CA LEU A 222 -0.64 1.53 38.95
C LEU A 222 -1.42 2.07 40.14
N HIS A 223 -1.15 3.29 40.59
CA HIS A 223 -1.91 3.76 41.73
C HIS A 223 -3.36 4.13 41.38
N LEU A 224 -3.70 4.27 40.10
CA LEU A 224 -5.10 4.49 39.73
C LEU A 224 -5.91 3.21 39.66
N PHE A 225 -5.33 2.05 39.92
CA PHE A 225 -6.02 0.80 39.60
C PHE A 225 -7.05 0.40 40.65
N ASP A 226 -7.20 1.13 41.75
CA ASP A 226 -8.07 0.66 42.82
C ASP A 226 -9.46 1.27 42.71
N GLY A 227 -10.46 0.45 43.05
CA GLY A 227 -11.86 0.87 43.01
C GLY A 227 -12.41 1.20 41.63
N VAL A 228 -11.90 0.58 40.58
CA VAL A 228 -12.34 0.88 39.23
C VAL A 228 -13.58 0.05 38.92
N LYS A 229 -14.66 0.73 38.51
CA LYS A 229 -15.85 -0.02 38.10
C LYS A 229 -15.72 -0.51 36.67
N ALA A 230 -15.05 0.25 35.81
CA ALA A 230 -14.85 -0.18 34.44
C ALA A 230 -13.61 0.49 33.86
N VAL A 231 -12.85 -0.27 33.11
CA VAL A 231 -11.77 0.25 32.28
C VAL A 231 -12.32 0.47 30.87
N ILE A 232 -12.18 1.69 30.37
CA ILE A 232 -12.37 1.99 28.95
C ILE A 232 -10.98 1.90 28.31
N PHE A 233 -10.73 0.79 27.64
CA PHE A 233 -9.44 0.58 26.98
C PHE A 233 -9.57 1.05 25.55
N CYS A 234 -8.80 2.08 25.19
CA CYS A 234 -8.80 2.62 23.84
C CYS A 234 -7.73 1.94 23.02
N ALA A 235 -8.10 1.51 21.82
CA ALA A 235 -7.16 0.86 20.91
C ALA A 235 -7.40 1.41 19.52
N ALA A 236 -6.36 1.95 18.90
CA ALA A 236 -6.48 2.55 17.59
C ALA A 236 -6.48 1.45 16.53
N LEU A 237 -7.59 1.37 15.77
CA LEU A 237 -7.68 0.43 14.66
C LEU A 237 -6.73 0.82 13.53
N SER A 238 -6.48 2.11 13.39
CA SER A 238 -5.78 2.61 12.21
C SER A 238 -4.27 2.55 12.34
N GLU A 239 -3.74 1.97 13.43
CA GLU A 239 -2.32 2.04 13.73
C GLU A 239 -1.51 0.85 13.21
N TYR A 240 -2.14 -0.09 12.49
CA TYR A 240 -1.48 -1.37 12.24
C TYR A 240 -0.33 -1.29 11.24
N ASP A 241 -0.14 -0.15 10.56
CA ASP A 241 1.02 0.03 9.68
C ASP A 241 1.96 1.13 10.17
N GLN A 242 1.97 1.40 11.49
CA GLN A 242 2.81 2.44 12.09
C GLN A 242 3.67 1.84 13.19
N ASN A 243 4.82 2.46 13.44
CA ASN A 243 5.60 2.09 14.61
C ASN A 243 5.51 3.14 15.71
N LEU A 244 5.91 2.75 16.92
CA LEU A 244 5.73 3.60 18.09
C LEU A 244 6.58 4.86 18.00
N PHE A 245 6.05 5.95 18.60
CA PHE A 245 6.86 7.14 18.81
C PHE A 245 8.05 6.87 19.73
N GLU A 246 7.88 6.01 20.76
CA GLU A 246 8.93 5.73 21.73
C GLU A 246 10.00 4.79 21.19
N ASP A 247 9.70 4.07 20.10
CA ASP A 247 10.57 3.02 19.58
C ASP A 247 10.12 2.66 18.17
N GLU A 248 10.82 3.18 17.16
CA GLU A 248 10.36 3.02 15.79
C GLU A 248 10.61 1.63 15.21
N GLY A 249 11.14 0.69 16.00
CA GLY A 249 11.20 -0.70 15.60
C GLY A 249 10.02 -1.55 16.02
N LYS A 250 9.02 -0.95 16.67
CA LYS A 250 7.92 -1.69 17.28
C LYS A 250 6.60 -1.25 16.65
N ASN A 251 5.88 -2.21 16.07
CA ASN A 251 4.59 -1.93 15.42
C ASN A 251 3.57 -1.43 16.44
N ARG A 252 2.83 -0.37 16.08
CA ARG A 252 1.93 0.24 17.05
C ARG A 252 0.87 -0.73 17.54
N MET A 253 0.39 -1.62 16.66
CA MET A 253 -0.72 -2.51 17.01
C MET A 253 -0.25 -3.71 17.83
N VAL A 254 0.97 -4.18 17.57
CA VAL A 254 1.55 -5.20 18.44
C VAL A 254 1.66 -4.64 19.85
N GLU A 255 2.09 -3.38 19.98
CA GLU A 255 2.21 -2.77 21.30
C GLU A 255 0.83 -2.68 21.96
N THR A 256 -0.19 -2.33 21.17
CA THR A 256 -1.54 -2.22 21.72
C THR A 256 -2.03 -3.56 22.27
N MET A 257 -1.77 -4.64 21.54
CA MET A 257 -2.30 -5.92 21.99
C MET A 257 -1.51 -6.47 23.16
N GLU A 258 -0.18 -6.30 23.17
CA GLU A 258 0.59 -6.67 24.34
C GLU A 258 0.16 -5.83 25.55
N LEU A 259 -0.15 -4.55 25.31
CA LEU A 259 -0.56 -3.69 26.42
C LEU A 259 -1.90 -4.14 26.99
N PHE A 260 -2.84 -4.49 26.10
CA PHE A 260 -4.16 -5.00 26.52
C PHE A 260 -4.02 -6.26 27.35
N GLU A 261 -3.22 -7.22 26.86
CA GLU A 261 -2.95 -8.43 27.63
C GLU A 261 -2.33 -8.10 28.98
N SER A 262 -1.41 -7.15 29.03
CA SER A 262 -0.76 -6.88 30.31
C SER A 262 -1.73 -6.24 31.32
N VAL A 263 -2.65 -5.40 30.84
CA VAL A 263 -3.72 -4.89 31.71
C VAL A 263 -4.67 -6.00 32.16
N LEU A 264 -5.07 -6.90 31.24
CA LEU A 264 -6.00 -7.98 31.63
C LEU A 264 -5.39 -8.90 32.68
N ARG A 265 -4.06 -9.07 32.66
CA ARG A 265 -3.34 -9.96 33.56
C ARG A 265 -3.05 -9.30 34.89
N HIS A 266 -3.37 -8.01 35.05
CA HIS A 266 -3.09 -7.45 36.36
C HIS A 266 -4.13 -7.88 37.40
N PRO A 267 -3.69 -8.27 38.59
CA PRO A 267 -4.66 -8.73 39.61
C PRO A 267 -5.72 -7.71 39.99
N SER A 268 -5.44 -6.41 39.90
CA SER A 268 -6.42 -5.43 40.32
C SER A 268 -7.65 -5.42 39.44
N PHE A 269 -7.55 -5.96 38.22
CA PHE A 269 -8.62 -5.93 37.24
C PHE A 269 -9.26 -7.29 37.03
N GLU A 270 -9.01 -8.24 37.94
CA GLU A 270 -9.47 -9.62 37.75
C GLU A 270 -10.99 -9.68 37.57
N LYS A 271 -11.74 -8.90 38.34
CA LYS A 271 -13.20 -8.88 38.27
C LYS A 271 -13.73 -7.52 37.84
N THR A 272 -12.98 -6.83 36.97
CA THR A 272 -13.27 -5.46 36.55
C THR A 272 -13.74 -5.47 35.09
N SER A 273 -14.76 -4.67 34.78
CA SER A 273 -15.32 -4.68 33.43
C SER A 273 -14.45 -3.90 32.45
N PHE A 274 -14.32 -4.44 31.23
CA PHE A 274 -13.60 -3.79 30.15
C PHE A 274 -14.56 -3.38 29.03
N LEU A 275 -14.57 -2.09 28.71
CA LEU A 275 -15.19 -1.57 27.49
C LEU A 275 -14.04 -1.21 26.56
N VAL A 276 -13.88 -1.97 25.48
CA VAL A 276 -12.83 -1.67 24.51
C VAL A 276 -13.41 -0.79 23.41
N PHE A 277 -12.86 0.41 23.29
CA PHE A 277 -13.16 1.30 22.16
C PHE A 277 -12.09 1.07 21.10
N LEU A 278 -12.44 0.30 20.07
CA LEU A 278 -11.63 0.19 18.86
C LEU A 278 -11.80 1.48 18.05
N ASN A 279 -10.99 2.46 18.39
CA ASN A 279 -11.13 3.85 18.01
C ASN A 279 -10.50 4.10 16.65
N LYS A 280 -10.68 5.32 16.15
CA LYS A 280 -10.18 5.73 14.83
C LYS A 280 -10.76 4.86 13.73
N TYR A 281 -12.02 4.43 13.92
CA TYR A 281 -12.72 3.66 12.90
C TYR A 281 -12.79 4.41 11.57
N ASP A 282 -12.96 5.74 11.61
CA ASP A 282 -12.99 6.55 10.37
C ASP A 282 -11.70 6.41 9.57
N ILE A 283 -10.53 6.46 10.23
CA ILE A 283 -9.26 6.30 9.52
C ILE A 283 -9.11 4.87 9.02
N PHE A 284 -9.42 3.89 9.87
CA PHE A 284 -9.40 2.49 9.49
C PHE A 284 -10.19 2.23 8.20
N ARG A 285 -11.38 2.83 8.09
CA ARG A 285 -12.20 2.62 6.90
C ARG A 285 -11.43 2.89 5.63
N LYS A 286 -10.66 3.99 5.61
CA LYS A 286 -9.91 4.33 4.40
C LYS A 286 -8.66 3.47 4.26
N LYS A 287 -7.98 3.19 5.38
CA LYS A 287 -6.68 2.55 5.32
C LYS A 287 -6.81 1.08 4.89
N VAL A 288 -7.76 0.36 5.47
CA VAL A 288 -7.91 -1.07 5.22
C VAL A 288 -8.22 -1.35 3.74
N LEU A 289 -8.73 -0.35 3.01
CA LEU A 289 -8.95 -0.52 1.58
C LEU A 289 -7.66 -0.42 0.77
N SER A 290 -6.63 0.23 1.31
CA SER A 290 -5.41 0.51 0.55
C SER A 290 -4.16 -0.18 1.09
N VAL A 291 -4.05 -0.41 2.39
CA VAL A 291 -2.96 -1.15 3.01
C VAL A 291 -3.55 -2.42 3.61
N PRO A 292 -3.23 -3.60 3.10
CA PRO A 292 -3.81 -4.82 3.66
C PRO A 292 -3.35 -5.05 5.09
N LEU A 293 -4.15 -5.82 5.84
CA LEU A 293 -3.90 -5.98 7.27
C LEU A 293 -2.63 -6.77 7.54
N ASN A 294 -2.24 -7.64 6.60
CA ASN A 294 -1.08 -8.52 6.77
C ASN A 294 0.25 -7.76 6.88
N VAL A 295 0.27 -6.46 6.59
CA VAL A 295 1.46 -5.65 6.85
C VAL A 295 1.85 -5.69 8.32
N CYS A 296 0.90 -6.06 9.18
CA CYS A 296 1.10 -6.10 10.61
C CYS A 296 1.29 -7.55 11.06
N GLU A 297 2.27 -7.77 11.93
CA GLU A 297 2.71 -9.13 12.26
C GLU A 297 1.64 -9.94 12.97
N VAL A 298 0.76 -9.30 13.74
CA VAL A 298 -0.33 -10.03 14.37
C VAL A 298 -1.49 -10.31 13.43
N PHE A 299 -1.51 -9.69 12.24
CA PHE A 299 -2.57 -9.91 11.26
C PHE A 299 -2.05 -10.63 10.01
N ARG A 300 -0.92 -11.34 10.12
CA ARG A 300 -0.34 -11.94 8.91
C ARG A 300 -1.16 -13.12 8.39
N ASP A 301 -2.06 -13.67 9.20
CA ASP A 301 -2.97 -14.75 8.80
C ASP A 301 -4.28 -14.22 8.21
N TYR A 302 -4.39 -12.90 7.99
CA TYR A 302 -5.64 -12.33 7.51
C TYR A 302 -5.85 -12.70 6.06
N ASN A 303 -7.09 -13.07 5.73
CA ASN A 303 -7.44 -13.46 4.38
C ASN A 303 -8.60 -12.59 3.93
N GLU A 304 -8.31 -11.65 3.04
CA GLU A 304 -9.30 -10.69 2.59
C GLU A 304 -10.38 -11.34 1.73
N VAL A 305 -11.63 -10.97 1.97
CA VAL A 305 -12.75 -11.44 1.16
C VAL A 305 -12.99 -10.45 0.04
N GLN A 306 -13.63 -10.92 -1.02
CA GLN A 306 -14.02 -10.02 -2.09
C GLN A 306 -15.48 -9.57 -1.89
N GLY A 307 -15.79 -8.42 -2.47
CA GLY A 307 -17.10 -7.81 -2.30
C GLY A 307 -16.98 -6.30 -2.41
N ASP A 308 -18.05 -5.63 -2.02
CA ASP A 308 -18.04 -4.18 -2.04
C ASP A 308 -17.23 -3.63 -0.86
N GLN A 309 -16.99 -2.31 -0.88
CA GLN A 309 -16.13 -1.68 0.13
C GLN A 309 -16.61 -2.02 1.52
N GLU A 310 -17.93 -2.04 1.73
CA GLU A 310 -18.43 -2.23 3.09
C GLU A 310 -18.36 -3.67 3.56
N ARG A 311 -18.43 -4.66 2.67
CA ARG A 311 -18.22 -6.02 3.14
C ARG A 311 -16.74 -6.23 3.48
N LYS A 312 -15.84 -5.59 2.74
CA LYS A 312 -14.41 -5.67 3.04
C LYS A 312 -14.08 -4.99 4.35
N ILE A 313 -14.60 -3.78 4.56
CA ILE A 313 -14.41 -3.08 5.82
C ILE A 313 -14.98 -3.90 6.96
N SER A 314 -16.20 -4.41 6.79
CA SER A 314 -16.87 -5.11 7.87
C SER A 314 -16.15 -6.39 8.25
N HIS A 315 -15.64 -7.11 7.25
CA HIS A 315 -14.99 -8.39 7.51
C HIS A 315 -13.68 -8.18 8.25
N ALA A 316 -12.92 -7.16 7.86
CA ALA A 316 -11.65 -6.88 8.52
C ALA A 316 -11.88 -6.46 9.97
N LEU A 317 -12.92 -5.65 10.22
CA LEU A 317 -13.22 -5.22 11.59
C LEU A 317 -13.63 -6.40 12.47
N GLN A 318 -14.49 -7.29 11.95
CA GLN A 318 -14.84 -8.49 12.68
C GLN A 318 -13.60 -9.34 13.01
N TYR A 319 -12.60 -9.32 12.13
CA TYR A 319 -11.41 -10.13 12.32
C TYR A 319 -10.56 -9.57 13.46
N ILE A 320 -10.37 -8.25 13.46
CA ILE A 320 -9.69 -7.57 14.56
C ILE A 320 -10.44 -7.77 15.86
N LYS A 321 -11.77 -7.69 15.81
CA LYS A 321 -12.56 -7.88 17.03
C LYS A 321 -12.33 -9.28 17.61
N ASN A 322 -12.33 -10.30 16.76
CA ASN A 322 -12.08 -11.66 17.22
CA ASN A 322 -12.10 -11.65 17.26
C ASN A 322 -10.72 -11.79 17.88
N LYS A 323 -9.74 -11.02 17.39
CA LYS A 323 -8.41 -11.14 17.96
C LYS A 323 -8.35 -10.52 19.36
N PHE A 324 -8.96 -9.36 19.55
CA PHE A 324 -9.09 -8.83 20.89
C PHE A 324 -9.89 -9.76 21.78
N ASP A 325 -10.99 -10.32 21.26
CA ASP A 325 -11.78 -11.27 22.04
C ASP A 325 -10.93 -12.45 22.51
N GLU A 326 -10.05 -12.96 21.63
CA GLU A 326 -9.22 -14.09 22.00
C GLU A 326 -8.29 -13.74 23.15
N ILE A 327 -7.76 -12.52 23.14
CA ILE A 327 -6.86 -12.13 24.23
C ILE A 327 -7.63 -12.06 25.53
N TYR A 328 -8.87 -11.56 25.46
CA TYR A 328 -9.72 -11.52 26.65
C TYR A 328 -10.02 -12.91 27.18
N LYS A 329 -10.35 -13.84 26.28
CA LYS A 329 -10.70 -15.19 26.74
C LYS A 329 -9.49 -15.91 27.32
N ARG A 330 -8.33 -15.81 26.65
CA ARG A 330 -7.11 -16.43 27.15
C ARG A 330 -6.80 -16.03 28.58
N ASN A 331 -7.29 -14.87 29.02
CA ASN A 331 -6.88 -14.28 30.29
C ASN A 331 -8.01 -14.19 31.30
N THR A 332 -9.19 -14.73 31.01
CA THR A 332 -10.34 -14.63 31.90
C THR A 332 -10.91 -16.04 32.13
N PRO A 333 -10.34 -16.81 33.06
CA PRO A 333 -10.81 -18.20 33.26
C PRO A 333 -12.32 -18.37 33.36
N GLY A 334 -13.00 -17.52 34.12
CA GLY A 334 -14.44 -17.64 34.24
C GLY A 334 -15.22 -16.81 33.23
N LEU A 335 -14.58 -16.44 32.12
CA LEU A 335 -15.10 -15.51 31.11
C LEU A 335 -16.12 -14.54 31.67
N GLY A 336 -17.34 -14.53 31.14
CA GLY A 336 -18.27 -13.46 31.43
C GLY A 336 -18.84 -13.48 32.84
N THR A 337 -18.72 -14.59 33.57
CA THR A 337 -19.09 -14.53 34.98
C THR A 337 -17.93 -14.05 35.86
N GLN A 338 -16.74 -13.82 35.29
CA GLN A 338 -15.65 -13.19 36.01
C GLN A 338 -15.61 -11.69 35.73
N ARG A 339 -15.67 -11.32 34.47
CA ARG A 339 -15.69 -9.92 34.08
C ARG A 339 -16.18 -9.84 32.64
N LEU A 340 -16.86 -8.75 32.31
CA LEU A 340 -17.30 -8.57 30.94
C LEU A 340 -16.25 -7.83 30.14
N CYS A 341 -16.26 -8.09 28.84
CA CYS A 341 -15.40 -7.40 27.88
C CYS A 341 -16.21 -7.19 26.61
N TRP A 342 -16.66 -5.97 26.40
CA TRP A 342 -17.42 -5.59 25.22
C TRP A 342 -16.54 -4.74 24.31
N LEU A 343 -16.72 -4.94 22.99
CA LEU A 343 -15.92 -4.34 21.93
C LEU A 343 -16.77 -3.40 21.09
N PHE A 344 -16.28 -2.19 20.87
CA PHE A 344 -17.03 -1.19 20.11
C PHE A 344 -16.13 -0.48 19.12
N GLU A 345 -16.52 -0.43 17.85
CA GLU A 345 -15.81 0.44 16.93
C GLU A 345 -16.30 1.86 17.15
N THR A 346 -15.38 2.82 17.13
CA THR A 346 -15.70 4.18 17.51
C THR A 346 -14.89 5.15 16.68
N THR A 347 -15.36 6.38 16.64
CA THR A 347 -14.56 7.52 16.17
C THR A 347 -14.69 8.60 17.23
N ALA A 348 -13.61 8.81 18.00
CA ALA A 348 -13.68 9.65 19.20
C ALA A 348 -14.02 11.10 18.84
N LEU A 349 -13.66 11.56 17.64
CA LEU A 349 -13.99 12.92 17.22
C LEU A 349 -15.48 13.14 17.01
N ASP A 350 -16.24 12.08 16.72
CA ASP A 350 -17.60 12.21 16.21
C ASP A 350 -18.60 12.12 17.35
N PRO A 351 -19.32 13.19 17.68
CA PRO A 351 -20.29 13.09 18.78
C PRO A 351 -21.43 12.11 18.52
N ARG A 352 -21.95 12.02 17.30
CA ARG A 352 -23.06 11.10 17.07
C ARG A 352 -22.61 9.66 17.31
N ILE A 353 -21.45 9.27 16.76
CA ILE A 353 -20.97 7.91 16.97
C ILE A 353 -20.71 7.67 18.45
N MET A 354 -20.14 8.66 19.15
CA MET A 354 -19.90 8.52 20.57
C MET A 354 -21.19 8.44 21.36
N LYS A 355 -22.15 9.31 21.05
CA LYS A 355 -23.43 9.22 21.75
C LYS A 355 -24.09 7.87 21.52
N TYR A 356 -24.02 7.35 20.29
CA TYR A 356 -24.55 6.01 20.01
C TYR A 356 -23.78 4.95 20.78
N THR A 357 -22.45 5.08 20.87
CA THR A 357 -21.65 4.06 21.53
C THR A 357 -21.99 3.96 23.00
N PHE A 358 -22.12 5.10 23.68
CA PHE A 358 -22.50 5.04 25.09
C PHE A 358 -23.92 4.54 25.29
N GLU A 359 -24.85 4.88 24.38
CA GLU A 359 -26.17 4.33 24.53
C GLU A 359 -26.18 2.82 24.30
N LEU A 360 -25.30 2.35 23.42
CA LEU A 360 -25.19 0.91 23.20
C LEU A 360 -24.69 0.19 24.46
N VAL A 361 -23.76 0.82 25.19
CA VAL A 361 -23.31 0.28 26.46
C VAL A 361 -24.49 0.10 27.40
N ASP A 362 -25.28 1.16 27.60
CA ASP A 362 -26.44 1.05 28.48
C ASP A 362 -27.43 0.01 27.94
N LYS A 363 -27.61 -0.04 26.60
CA LYS A 363 -28.52 -1.03 26.05
C LYS A 363 -28.00 -2.45 26.31
N ASN A 364 -26.67 -2.64 26.26
CA ASN A 364 -26.10 -3.94 26.56
C ASN A 364 -26.27 -4.28 28.04
N LEU A 365 -26.07 -3.30 28.92
CA LEU A 365 -26.25 -3.55 30.34
C LEU A 365 -27.71 -3.91 30.66
N VAL A 366 -28.68 -3.27 30.02
CA VAL A 366 -30.07 -3.55 30.33
C VAL A 366 -30.45 -4.96 29.89
N VAL A 367 -30.05 -5.37 28.69
CA VAL A 367 -30.39 -6.70 28.21
C VAL A 367 -29.68 -7.77 29.03
N SER A 368 -28.44 -7.51 29.44
CA SER A 368 -27.63 -8.43 30.24
C SER A 368 -28.00 -8.46 31.72
N SER A 369 -28.90 -7.60 32.17
CA SER A 369 -29.27 -7.50 33.58
C SER A 369 -28.02 -7.36 34.45
N ILE A 370 -27.23 -6.33 34.16
CA ILE A 370 -26.03 -6.01 34.91
C ILE A 370 -26.18 -4.62 35.52
N SER A 371 -25.80 -4.49 36.80
CA SER A 371 -25.86 -3.21 37.49
C SER A 371 -24.47 -2.73 37.90
N LYS B 35 20.26 -29.40 -40.15
CA LYS B 35 19.14 -29.36 -39.21
C LYS B 35 19.53 -29.84 -37.82
N ASN B 36 20.67 -29.36 -37.32
CA ASN B 36 21.07 -29.59 -35.94
C ASN B 36 20.64 -28.43 -35.05
N VAL B 37 19.34 -28.15 -35.08
CA VAL B 37 18.73 -26.95 -34.51
C VAL B 37 18.02 -27.30 -33.21
N TYR B 38 18.48 -26.73 -32.10
CA TYR B 38 17.84 -26.93 -30.80
C TYR B 38 16.69 -25.94 -30.67
N LYS B 39 15.47 -26.46 -30.60
CA LYS B 39 14.29 -25.63 -30.51
C LYS B 39 14.01 -25.25 -29.06
N LEU B 40 13.77 -23.97 -28.82
CA LEU B 40 13.38 -23.46 -27.50
C LEU B 40 11.98 -22.87 -27.56
N LEU B 41 11.22 -23.08 -26.50
CA LEU B 41 9.83 -22.67 -26.41
C LEU B 41 9.63 -21.74 -25.22
N LEU B 42 9.20 -20.51 -25.50
CA LEU B 42 8.83 -19.54 -24.49
C LEU B 42 7.38 -19.76 -24.08
N LEU B 43 7.15 -20.01 -22.79
CA LEU B 43 5.82 -20.22 -22.24
C LEU B 43 5.65 -19.35 -21.00
N GLY B 44 4.40 -19.11 -20.66
CA GLY B 44 4.05 -18.36 -19.47
C GLY B 44 2.72 -17.69 -19.65
N SER B 45 2.17 -17.21 -18.54
CA SER B 45 0.90 -16.49 -18.61
C SER B 45 1.09 -15.16 -19.35
N GLY B 46 -0.02 -14.51 -19.64
CA GLY B 46 0.04 -13.29 -20.41
C GLY B 46 0.72 -12.19 -19.61
N GLU B 47 1.52 -11.39 -20.32
CA GLU B 47 2.32 -10.30 -19.77
C GLU B 47 3.45 -10.77 -18.85
N SER B 48 3.81 -12.05 -18.87
CA SER B 48 4.92 -12.49 -18.04
C SER B 48 6.27 -12.04 -18.59
N GLY B 49 6.32 -11.63 -19.86
CA GLY B 49 7.54 -11.11 -20.47
C GLY B 49 8.12 -11.95 -21.62
N LYS B 50 7.39 -12.96 -22.12
CA LYS B 50 7.96 -13.83 -23.16
C LYS B 50 8.38 -13.04 -24.41
N SER B 51 7.57 -12.08 -24.85
CA SER B 51 7.94 -11.36 -26.05
C SER B 51 9.11 -10.41 -25.80
N THR B 52 9.22 -9.84 -24.59
CA THR B 52 10.39 -9.03 -24.27
C THR B 52 11.66 -9.89 -24.30
N ILE B 53 11.61 -11.09 -23.69
CA ILE B 53 12.72 -12.03 -23.79
C ILE B 53 13.05 -12.30 -25.24
N PHE B 54 12.00 -12.52 -26.05
CA PHE B 54 12.16 -12.80 -27.48
C PHE B 54 12.91 -11.68 -28.18
N LYS B 55 12.46 -10.43 -28.02
CA LYS B 55 13.20 -9.29 -28.57
C LYS B 55 14.62 -9.25 -28.03
N GLN B 56 14.77 -9.50 -26.72
CA GLN B 56 16.08 -9.45 -26.09
C GLN B 56 17.04 -10.46 -26.70
N ILE B 57 16.51 -11.58 -27.18
CA ILE B 57 17.37 -12.56 -27.85
C ILE B 57 17.86 -12.02 -29.19
N LYS B 58 16.96 -11.46 -30.00
CA LYS B 58 17.39 -10.84 -31.25
C LYS B 58 18.47 -9.79 -31.00
N LEU B 59 18.30 -8.98 -29.94
CA LEU B 59 19.28 -7.91 -29.68
C LEU B 59 20.64 -8.47 -29.27
N LEU B 60 20.66 -9.56 -28.48
CA LEU B 60 21.92 -10.07 -27.95
C LEU B 60 22.65 -11.01 -28.89
N TYR B 61 21.92 -11.92 -29.55
CA TYR B 61 22.55 -12.95 -30.38
C TYR B 61 22.50 -12.64 -31.87
N ASN B 62 21.57 -11.82 -32.33
CA ASN B 62 21.50 -11.49 -33.74
C ASN B 62 21.92 -10.03 -33.92
N THR B 63 21.55 -9.44 -35.06
CA THR B 63 21.92 -8.06 -35.34
C THR B 63 20.96 -7.06 -34.71
N GLY B 64 19.99 -7.52 -33.94
CA GLY B 64 19.02 -6.61 -33.34
C GLY B 64 17.98 -6.10 -34.31
N PHE B 65 17.68 -4.80 -34.24
CA PHE B 65 16.59 -4.20 -35.00
C PHE B 65 17.12 -3.06 -35.86
N GLY B 66 16.91 -3.17 -37.17
CA GLY B 66 17.29 -2.11 -38.09
C GLY B 66 16.40 -0.88 -37.96
N VAL B 67 16.81 0.17 -38.65
CA VAL B 67 16.18 1.48 -38.47
C VAL B 67 14.73 1.47 -38.94
N GLU B 68 14.44 0.75 -40.02
CA GLU B 68 13.09 0.79 -40.56
C GLU B 68 12.12 -0.05 -39.73
N GLU B 69 12.53 -1.24 -39.27
CA GLU B 69 11.65 -1.99 -38.41
C GLU B 69 11.56 -1.39 -37.01
N LEU B 70 12.53 -0.57 -36.60
CA LEU B 70 12.33 0.24 -35.41
C LEU B 70 11.19 1.25 -35.61
N LYS B 71 11.13 1.87 -36.79
CA LYS B 71 10.08 2.86 -37.03
C LYS B 71 8.69 2.22 -37.06
N ASN B 72 8.57 0.97 -37.52
CA ASN B 72 7.26 0.31 -37.53
C ASN B 72 6.67 0.14 -36.13
N TYR B 73 7.47 0.28 -35.07
CA TYR B 73 6.99 0.20 -33.70
C TYR B 73 6.34 1.50 -33.23
N THR B 74 6.49 2.61 -33.96
CA THR B 74 5.89 3.87 -33.53
C THR B 74 4.38 3.78 -33.35
N PRO B 75 3.61 3.23 -34.28
CA PRO B 75 2.16 3.09 -34.01
C PRO B 75 1.84 2.25 -32.78
N VAL B 76 2.63 1.21 -32.52
CA VAL B 76 2.42 0.42 -31.31
C VAL B 76 2.69 1.26 -30.06
N ILE B 77 3.78 2.00 -30.05
CA ILE B 77 4.09 2.81 -28.87
C ILE B 77 3.01 3.85 -28.65
N HIS B 78 2.59 4.52 -29.72
CA HIS B 78 1.50 5.49 -29.60
C HIS B 78 0.22 4.82 -29.13
N ALA B 79 -0.09 3.63 -29.64
CA ALA B 79 -1.26 2.90 -29.17
C ALA B 79 -1.15 2.59 -27.68
N ASN B 80 0.06 2.26 -27.20
CA ASN B 80 0.25 2.01 -25.77
C ASN B 80 -0.09 3.25 -24.96
N VAL B 81 0.34 4.42 -25.45
CA VAL B 81 0.09 5.66 -24.74
C VAL B 81 -1.40 5.94 -24.67
N TYR B 82 -2.07 5.85 -25.82
CA TYR B 82 -3.52 6.03 -25.86
C TYR B 82 -4.22 5.07 -24.92
N GLN B 83 -3.81 3.80 -24.93
CA GLN B 83 -4.45 2.81 -24.08
C GLN B 83 -4.22 3.10 -22.59
N ALA B 84 -3.00 3.52 -22.23
CA ALA B 84 -2.74 3.92 -20.84
C ALA B 84 -3.68 5.05 -20.40
N ILE B 85 -3.77 6.11 -21.19
CA ILE B 85 -4.62 7.24 -20.81
C ILE B 85 -6.06 6.79 -20.62
N LYS B 86 -6.56 5.97 -21.53
CA LYS B 86 -7.94 5.48 -21.40
C LYS B 86 -8.16 4.76 -20.09
N ILE B 87 -7.21 3.88 -19.71
CA ILE B 87 -7.41 3.12 -18.48
C ILE B 87 -7.22 4.01 -17.25
N LEU B 88 -6.29 4.96 -17.31
CA LEU B 88 -6.19 5.91 -16.20
C LEU B 88 -7.45 6.76 -16.10
N TYR B 89 -7.98 7.21 -17.24
CA TYR B 89 -9.19 8.03 -17.25
C TYR B 89 -10.38 7.26 -16.68
N GLU B 90 -10.65 6.06 -17.20
CA GLU B 90 -11.81 5.31 -16.73
C GLU B 90 -11.63 4.80 -15.31
N GLY B 91 -10.38 4.49 -14.93
CA GLY B 91 -10.12 4.12 -13.55
C GLY B 91 -10.33 5.26 -12.58
N CYS B 92 -9.94 6.48 -12.97
CA CYS B 92 -10.20 7.63 -12.11
C CYS B 92 -11.69 7.86 -11.95
N LEU B 93 -12.45 7.81 -13.05
CA LEU B 93 -13.89 8.00 -12.95
C LEU B 93 -14.53 6.93 -12.08
N ASP B 94 -14.01 5.70 -12.15
CA ASP B 94 -14.60 4.63 -11.35
C ASP B 94 -14.20 4.76 -9.88
N LEU B 95 -12.95 5.10 -9.60
CA LEU B 95 -12.54 5.34 -8.22
C LEU B 95 -13.30 6.50 -7.59
N GLN B 96 -13.63 7.53 -8.38
CA GLN B 96 -14.36 8.67 -7.85
C GLN B 96 -15.78 8.30 -7.42
N LYS B 97 -16.43 7.39 -8.16
CA LYS B 97 -17.77 6.95 -7.76
C LYS B 97 -17.75 6.31 -6.39
N LYS B 98 -16.67 5.58 -6.08
CA LYS B 98 -16.49 4.96 -4.77
C LYS B 98 -16.03 5.94 -3.70
N ASP B 99 -15.34 7.01 -4.10
CA ASP B 99 -14.64 7.89 -3.17
C ASP B 99 -14.87 9.35 -3.60
N VAL B 100 -15.87 9.99 -3.01
CA VAL B 100 -16.13 11.42 -3.25
C VAL B 100 -15.44 12.27 -2.17
N SER B 101 -14.41 11.71 -1.53
CA SER B 101 -13.51 12.53 -0.71
C SER B 101 -12.84 13.62 -1.53
N GLY B 102 -12.64 13.38 -2.83
CA GLY B 102 -11.99 14.32 -3.71
C GLY B 102 -10.61 13.92 -4.15
N GLU B 103 -10.03 12.85 -3.60
CA GLU B 103 -8.72 12.43 -4.05
C GLU B 103 -8.73 11.99 -5.51
N TYR B 104 -9.88 11.55 -6.03
CA TYR B 104 -9.98 11.02 -7.38
C TYR B 104 -10.76 11.96 -8.30
N THR B 105 -10.79 13.25 -8.00
CA THR B 105 -11.57 14.18 -8.79
C THR B 105 -10.62 14.98 -9.67
N MET B 106 -10.67 14.71 -10.98
CA MET B 106 -9.82 15.41 -11.93
C MET B 106 -10.23 16.88 -12.02
N ARG B 107 -9.24 17.73 -12.32
CA ARG B 107 -9.55 19.07 -12.82
C ARG B 107 -10.45 18.94 -14.04
N ARG B 108 -11.47 19.80 -14.11
CA ARG B 108 -12.46 19.63 -15.17
C ARG B 108 -11.82 19.71 -16.55
N GLU B 109 -10.82 20.57 -16.71
CA GLU B 109 -10.06 20.63 -17.97
C GLU B 109 -9.49 19.28 -18.35
N ASN B 110 -8.84 18.62 -17.38
CA ASN B 110 -8.20 17.34 -17.67
C ASN B 110 -9.23 16.25 -17.89
N MET B 111 -10.36 16.34 -17.21
CA MET B 111 -11.45 15.41 -17.48
C MET B 111 -11.88 15.45 -18.94
N GLU B 112 -12.03 16.65 -19.51
CA GLU B 112 -12.41 16.76 -20.91
C GLU B 112 -11.30 16.28 -21.83
N HIS B 113 -10.05 16.69 -21.54
CA HIS B 113 -8.93 16.22 -22.34
C HIS B 113 -8.85 14.70 -22.33
N GLY B 114 -9.05 14.09 -21.15
CA GLY B 114 -8.98 12.64 -21.07
C GLY B 114 -10.02 11.96 -21.93
N LYS B 115 -11.23 12.52 -21.97
CA LYS B 115 -12.27 12.01 -22.84
C LYS B 115 -11.86 12.11 -24.30
N ARG B 116 -11.28 13.26 -24.67
CA ARG B 116 -10.90 13.48 -26.06
C ARG B 116 -9.77 12.53 -26.47
N ILE B 117 -8.78 12.32 -25.59
CA ILE B 117 -7.65 11.47 -25.94
C ILE B 117 -8.09 10.01 -26.03
N ALA B 118 -8.95 9.59 -25.11
CA ALA B 118 -9.46 8.22 -25.14
C ALA B 118 -10.30 7.96 -26.39
N GLU B 119 -11.02 8.97 -26.87
CA GLU B 119 -11.83 8.76 -28.07
C GLU B 119 -10.97 8.60 -29.30
N ILE B 120 -9.80 9.25 -29.33
CA ILE B 120 -8.86 9.09 -30.44
C ILE B 120 -8.35 7.66 -30.50
N GLY B 121 -7.89 7.13 -29.36
CA GLY B 121 -7.35 5.79 -29.36
C GLY B 121 -8.39 4.74 -29.73
N ASP B 122 -9.62 4.93 -29.25
CA ASP B 122 -10.70 4.00 -29.54
C ASP B 122 -11.10 4.01 -31.01
N GLY B 123 -10.84 5.12 -31.71
CA GLY B 123 -11.28 5.23 -33.08
C GLY B 123 -10.47 4.36 -34.02
N VAL B 124 -11.13 3.90 -35.08
CA VAL B 124 -10.46 3.18 -36.16
C VAL B 124 -9.64 4.11 -37.05
N ASP B 125 -9.74 5.42 -36.82
CA ASP B 125 -8.95 6.40 -37.54
C ASP B 125 -7.46 6.28 -37.20
N TYR B 126 -6.62 6.61 -38.17
CA TYR B 126 -5.17 6.63 -38.01
C TYR B 126 -4.77 7.98 -37.45
N HIS B 127 -4.32 8.01 -36.19
CA HIS B 127 -4.13 9.26 -35.47
C HIS B 127 -2.88 9.23 -34.62
N PRO B 128 -1.71 9.40 -35.24
CA PRO B 128 -0.47 9.45 -34.45
C PRO B 128 -0.51 10.55 -33.40
N ILE B 129 0.35 10.40 -32.40
CA ILE B 129 0.47 11.40 -31.35
C ILE B 129 1.38 12.50 -31.85
N GLY B 130 0.82 13.69 -32.04
CA GLY B 130 1.58 14.85 -32.45
C GLY B 130 1.80 15.79 -31.30
N LEU B 131 2.17 17.04 -31.62
CA LEU B 131 2.60 17.96 -30.57
C LEU B 131 1.44 18.38 -29.67
N LEU B 132 0.23 18.51 -30.21
CA LEU B 132 -0.89 18.91 -29.35
C LEU B 132 -1.40 17.74 -28.50
N GLU B 133 -1.44 16.53 -29.08
CA GLU B 133 -1.79 15.34 -28.31
C GLU B 133 -0.85 15.18 -27.13
N SER B 134 0.44 15.31 -27.39
CA SER B 134 1.46 15.27 -26.34
C SER B 134 1.16 16.28 -25.24
N ASP B 135 0.85 17.52 -25.62
CA ASP B 135 0.51 18.54 -24.63
C ASP B 135 -0.60 18.06 -23.70
N LEU B 136 -1.69 17.53 -24.27
CA LEU B 136 -2.84 17.11 -23.47
C LEU B 136 -2.51 15.87 -22.65
N ILE B 137 -1.93 14.86 -23.30
CA ILE B 137 -1.52 13.64 -22.60
C ILE B 137 -0.65 13.98 -21.42
N ALA B 138 0.35 14.85 -21.63
CA ALA B 138 1.24 15.22 -20.54
C ALA B 138 0.50 15.99 -19.45
N GLN B 139 -0.51 16.77 -19.82
CA GLN B 139 -1.23 17.52 -18.79
C GLN B 139 -2.16 16.61 -17.99
N ILE B 140 -2.78 15.62 -18.64
CA ILE B 140 -3.56 14.61 -17.91
C ILE B 140 -2.66 13.85 -16.93
N TRP B 141 -1.51 13.38 -17.39
CA TRP B 141 -0.63 12.58 -16.56
C TRP B 141 -0.16 13.34 -15.33
N SER B 142 -0.07 14.66 -15.43
CA SER B 142 0.36 15.46 -14.28
C SER B 142 -0.79 15.79 -13.34
N ASP B 143 -2.00 15.38 -13.65
CA ASP B 143 -3.11 15.67 -12.76
C ASP B 143 -2.94 14.86 -11.48
N PRO B 144 -3.11 15.47 -10.30
CA PRO B 144 -2.97 14.70 -9.05
C PRO B 144 -3.92 13.52 -8.94
N ALA B 145 -5.13 13.60 -9.50
CA ALA B 145 -6.06 12.49 -9.39
C ALA B 145 -5.67 11.34 -10.31
N ILE B 146 -5.14 11.64 -11.50
CA ILE B 146 -4.60 10.58 -12.34
C ILE B 146 -3.42 9.92 -11.65
N GLN B 147 -2.60 10.71 -10.96
CA GLN B 147 -1.49 10.14 -10.21
C GLN B 147 -2.01 9.23 -9.10
N ALA B 148 -3.03 9.69 -8.36
CA ALA B 148 -3.65 8.84 -7.34
C ALA B 148 -4.24 7.57 -7.96
N THR B 149 -4.85 7.69 -9.14
CA THR B 149 -5.28 6.49 -9.86
C THR B 149 -4.09 5.61 -10.21
N TYR B 150 -2.98 6.23 -10.64
CA TYR B 150 -1.80 5.45 -11.01
C TYR B 150 -1.22 4.70 -9.82
N ARG B 151 -1.35 5.24 -8.60
CA ARG B 151 -0.87 4.54 -7.42
C ARG B 151 -1.71 3.31 -7.10
N LYS B 152 -2.93 3.26 -7.62
CA LYS B 152 -3.79 2.09 -7.53
C LYS B 152 -3.66 1.18 -8.73
N ALA B 153 -2.46 1.12 -9.34
CA ALA B 153 -2.27 0.43 -10.61
C ALA B 153 -2.53 -1.06 -10.49
N ASN B 154 -2.18 -1.67 -9.35
CA ASN B 154 -2.33 -3.11 -9.23
C ASN B 154 -3.79 -3.55 -9.32
N GLU B 155 -4.73 -2.64 -9.10
CA GLU B 155 -6.16 -2.87 -9.19
C GLU B 155 -6.72 -2.63 -10.58
N LEU B 156 -5.88 -2.23 -11.54
CA LEU B 156 -6.29 -1.93 -12.90
C LEU B 156 -5.54 -2.82 -13.88
N GLN B 157 -5.91 -2.71 -15.14
CA GLN B 157 -5.17 -3.43 -16.15
C GLN B 157 -4.34 -2.45 -16.96
N LEU B 158 -3.37 -1.78 -16.29
CA LEU B 158 -2.52 -0.81 -16.98
C LEU B 158 -1.37 -1.53 -17.66
N PRO B 159 -1.02 -1.14 -18.89
CA PRO B 159 0.22 -1.64 -19.49
C PRO B 159 1.43 -1.25 -18.63
N ASP B 160 2.40 -2.15 -18.55
CA ASP B 160 3.53 -1.93 -17.66
C ASP B 160 4.36 -0.72 -18.08
N CYS B 161 4.28 -0.31 -19.34
CA CYS B 161 5.08 0.78 -19.87
C CYS B 161 4.46 2.15 -19.61
N THR B 162 3.37 2.21 -18.84
CA THR B 162 2.62 3.45 -18.69
C THR B 162 3.52 4.60 -18.25
N GLU B 163 4.26 4.43 -17.16
CA GLU B 163 5.02 5.55 -16.65
C GLU B 163 6.18 5.89 -17.58
N TYR B 164 6.84 4.87 -18.13
CA TYR B 164 7.94 5.10 -19.07
C TYR B 164 7.48 5.92 -20.27
N PHE B 165 6.35 5.55 -20.88
CA PHE B 165 5.96 6.27 -22.09
C PHE B 165 5.31 7.61 -21.79
N LEU B 166 4.44 7.68 -20.78
CA LEU B 166 3.76 8.94 -20.49
C LEU B 166 4.73 10.00 -19.97
N SER B 167 5.71 9.61 -19.16
CA SER B 167 6.67 10.61 -18.72
C SER B 167 7.56 11.09 -19.86
N GLY B 168 7.68 10.31 -20.94
CA GLY B 168 8.49 10.72 -22.08
C GLY B 168 7.67 11.03 -23.30
N VAL B 169 6.43 11.50 -23.10
CA VAL B 169 5.49 11.61 -24.21
C VAL B 169 5.95 12.66 -25.22
N ASP B 170 6.53 13.77 -24.75
CA ASP B 170 7.04 14.80 -25.65
C ASP B 170 8.01 14.22 -26.67
N ARG B 171 8.89 13.32 -26.25
CA ARG B 171 9.84 12.69 -27.15
C ARG B 171 9.12 11.85 -28.23
N LEU B 172 8.12 11.06 -27.83
CA LEU B 172 7.42 10.19 -28.78
C LEU B 172 6.61 10.97 -29.79
N ALA B 173 6.39 12.26 -29.57
CA ALA B 173 5.53 13.08 -30.40
C ALA B 173 6.29 13.94 -31.39
N LYS B 174 7.62 14.00 -31.27
CA LYS B 174 8.42 14.79 -32.18
C LYS B 174 8.27 14.25 -33.60
N PRO B 175 8.29 15.11 -34.61
CA PRO B 175 8.06 14.65 -35.99
C PRO B 175 9.08 13.64 -36.50
N ASP B 176 10.34 13.77 -36.10
CA ASP B 176 11.39 12.87 -36.55
C ASP B 176 11.72 11.78 -35.53
N TYR B 177 10.73 11.37 -34.74
CA TYR B 177 10.98 10.41 -33.67
C TYR B 177 11.19 9.01 -34.23
N ILE B 178 12.33 8.41 -33.92
CA ILE B 178 12.56 6.99 -34.13
C ILE B 178 12.71 6.33 -32.76
N PRO B 179 11.94 5.29 -32.47
CA PRO B 179 12.06 4.61 -31.18
C PRO B 179 13.45 4.02 -30.98
N THR B 180 13.91 4.11 -29.74
CA THR B 180 15.13 3.43 -29.33
C THR B 180 14.84 1.96 -29.03
N GLU B 181 15.92 1.18 -28.89
CA GLU B 181 15.75 -0.23 -28.56
C GLU B 181 15.12 -0.40 -27.18
N GLU B 182 15.47 0.49 -26.22
CA GLU B 182 14.75 0.55 -24.96
C GLU B 182 13.25 0.75 -25.18
N ASP B 183 12.88 1.67 -26.09
CA ASP B 183 11.47 1.89 -26.41
C ASP B 183 10.80 0.61 -26.91
N ILE B 184 11.48 -0.10 -27.83
CA ILE B 184 10.93 -1.33 -28.41
C ILE B 184 10.73 -2.39 -27.33
N LEU B 185 11.65 -2.46 -26.36
CA LEU B 185 11.51 -3.46 -25.31
C LEU B 185 10.34 -3.14 -24.38
N HIS B 186 10.05 -1.86 -24.19
CA HIS B 186 8.91 -1.45 -23.38
C HIS B 186 7.60 -1.61 -24.13
N ALA B 187 7.64 -1.52 -25.46
CA ALA B 187 6.41 -1.49 -26.23
C ALA B 187 5.64 -2.80 -26.06
N ARG B 188 4.33 -2.69 -25.96
CA ARG B 188 3.45 -3.77 -25.56
C ARG B 188 2.59 -4.17 -26.76
N VAL B 189 2.76 -5.41 -27.23
CA VAL B 189 1.83 -6.02 -28.17
C VAL B 189 1.38 -7.35 -27.57
N ARG B 190 0.08 -7.51 -27.42
CA ARG B 190 -0.47 -8.76 -26.90
C ARG B 190 -0.37 -9.82 -28.00
N THR B 191 0.40 -10.88 -27.76
CA THR B 191 0.75 -11.81 -28.84
C THR B 191 -0.43 -12.71 -29.21
N THR B 192 -0.75 -12.78 -30.49
CA THR B 192 -1.86 -13.63 -30.91
C THR B 192 -1.51 -14.62 -32.01
N GLY B 193 -0.30 -14.58 -32.53
CA GLY B 193 0.16 -15.63 -33.43
C GLY B 193 1.37 -16.36 -32.87
N ILE B 194 2.10 -17.03 -33.76
CA ILE B 194 3.31 -17.74 -33.39
C ILE B 194 4.44 -17.17 -34.24
N ALA B 195 5.55 -16.88 -33.59
CA ALA B 195 6.73 -16.33 -34.20
C ALA B 195 7.96 -17.11 -33.75
N ASP B 196 8.99 -17.11 -34.58
CA ASP B 196 10.20 -17.79 -34.19
C ASP B 196 11.39 -17.07 -34.82
N VAL B 197 12.54 -17.25 -34.20
CA VAL B 197 13.78 -16.73 -34.77
C VAL B 197 14.89 -17.74 -34.51
N VAL B 198 15.80 -17.84 -35.49
CA VAL B 198 17.00 -18.65 -35.40
C VAL B 198 18.14 -17.73 -34.97
N PHE B 199 19.02 -18.26 -34.11
CA PHE B 199 20.24 -17.55 -33.77
C PHE B 199 21.31 -18.58 -33.45
N LYS B 200 22.57 -18.15 -33.51
CA LYS B 200 23.70 -19.02 -33.21
C LYS B 200 24.53 -18.44 -32.07
N HIS B 201 24.93 -19.31 -31.14
CA HIS B 201 25.98 -19.03 -30.18
C HIS B 201 26.85 -20.26 -30.06
N ASP B 202 28.16 -20.06 -30.00
CA ASP B 202 29.16 -21.14 -30.14
C ASP B 202 28.92 -21.77 -31.52
N GLY B 203 29.02 -23.08 -31.65
CA GLY B 203 28.73 -23.73 -32.90
C GLY B 203 27.32 -24.25 -33.00
N HIS B 204 26.47 -23.87 -32.06
CA HIS B 204 25.13 -24.43 -31.95
C HIS B 204 24.10 -23.46 -32.52
N THR B 205 23.07 -24.02 -33.15
CA THR B 205 22.00 -23.24 -33.73
C THR B 205 20.73 -23.47 -32.94
N TYR B 206 20.06 -22.39 -32.57
CA TYR B 206 18.83 -22.44 -31.81
C TYR B 206 17.71 -21.86 -32.63
N ARG B 207 16.49 -22.30 -32.36
CA ARG B 207 15.28 -21.65 -32.88
C ARG B 207 14.30 -21.51 -31.74
N VAL B 208 14.00 -20.26 -31.36
CA VAL B 208 13.13 -19.98 -30.23
C VAL B 208 11.76 -19.52 -30.74
N PHE B 209 10.71 -20.03 -30.13
CA PHE B 209 9.33 -19.75 -30.51
C PHE B 209 8.67 -18.86 -29.48
N ASP B 210 7.94 -17.85 -29.97
CA ASP B 210 7.17 -16.99 -29.09
C ASP B 210 5.69 -17.18 -29.39
N VAL B 211 4.88 -17.22 -28.34
CA VAL B 211 3.46 -17.47 -28.46
C VAL B 211 2.78 -16.77 -27.30
N GLY B 212 1.51 -16.41 -27.49
CA GLY B 212 0.80 -15.71 -26.47
C GLY B 212 0.49 -16.59 -25.27
N GLY B 213 0.26 -15.94 -24.14
CA GLY B 213 0.05 -16.62 -22.88
C GLY B 213 -1.26 -16.30 -22.18
N GLN B 214 -2.02 -15.38 -22.74
CA GLN B 214 -3.37 -15.22 -22.24
C GLN B 214 -4.15 -16.51 -22.47
N ARG B 215 -5.15 -16.72 -21.61
CA ARG B 215 -5.89 -17.99 -21.59
C ARG B 215 -6.31 -18.46 -22.98
N ASN B 216 -6.95 -17.57 -23.76
CA ASN B 216 -7.49 -18.01 -25.05
C ASN B 216 -6.39 -18.39 -26.04
N GLU B 217 -5.16 -17.90 -25.86
CA GLU B 217 -4.08 -18.27 -26.76
C GLU B 217 -3.45 -19.61 -26.42
N ARG B 218 -3.79 -20.23 -25.30
CA ARG B 218 -3.06 -21.42 -24.86
C ARG B 218 -3.44 -22.70 -25.62
N ARG B 219 -4.63 -22.74 -26.25
CA ARG B 219 -4.95 -23.69 -27.32
C ARG B 219 -3.75 -23.99 -28.20
N LYS B 220 -3.09 -22.92 -28.67
CA LYS B 220 -2.06 -23.00 -29.69
C LYS B 220 -0.78 -23.63 -29.19
N TRP B 221 -0.63 -23.78 -27.88
CA TRP B 221 0.62 -24.31 -27.34
C TRP B 221 0.84 -25.76 -27.75
N LEU B 222 -0.25 -26.53 -27.84
CA LEU B 222 -0.14 -28.00 -27.87
C LEU B 222 0.68 -28.47 -29.06
N HIS B 223 0.44 -27.94 -30.24
CA HIS B 223 1.20 -28.44 -31.38
C HIS B 223 2.65 -27.96 -31.39
N LEU B 224 3.02 -26.97 -30.58
CA LEU B 224 4.42 -26.58 -30.47
C LEU B 224 5.21 -27.45 -29.49
N PHE B 225 4.59 -28.43 -28.83
CA PHE B 225 5.28 -29.14 -27.75
C PHE B 225 6.23 -30.22 -28.26
N ASP B 226 6.31 -30.46 -29.57
CA ASP B 226 7.11 -31.55 -30.10
C ASP B 226 8.58 -31.16 -30.26
N GLY B 227 9.47 -32.07 -29.88
CA GLY B 227 10.90 -31.87 -30.10
C GLY B 227 11.53 -30.67 -29.43
N VAL B 228 11.02 -30.28 -28.27
CA VAL B 228 11.51 -29.10 -27.56
C VAL B 228 12.76 -29.48 -26.76
N LYS B 229 13.87 -28.79 -27.02
CA LYS B 229 15.07 -29.07 -26.24
C LYS B 229 14.97 -28.43 -24.86
N ALA B 230 14.39 -27.24 -24.76
CA ALA B 230 14.21 -26.60 -23.47
C ALA B 230 13.01 -25.66 -23.49
N VAL B 231 12.28 -25.61 -22.38
CA VAL B 231 11.18 -24.67 -22.18
C VAL B 231 11.73 -23.51 -21.35
N ILE B 232 11.59 -22.29 -21.85
CA ILE B 232 11.87 -21.09 -21.08
C ILE B 232 10.52 -20.63 -20.52
N PHE B 233 10.28 -20.94 -19.25
CA PHE B 233 9.02 -20.57 -18.62
C PHE B 233 9.17 -19.21 -17.94
N CYS B 234 8.40 -18.22 -18.41
CA CYS B 234 8.45 -16.88 -17.83
C CYS B 234 7.37 -16.73 -16.77
N ALA B 235 7.77 -16.21 -15.62
CA ALA B 235 6.87 -16.02 -14.47
C ALA B 235 7.19 -14.67 -13.85
N ALA B 236 6.19 -13.81 -13.82
CA ALA B 236 6.36 -12.46 -13.30
C ALA B 236 6.37 -12.48 -11.77
N LEU B 237 7.49 -12.09 -11.18
CA LEU B 237 7.63 -12.06 -9.73
C LEU B 237 6.69 -11.05 -9.09
N SER B 238 6.32 -10.00 -9.82
CA SER B 238 5.67 -8.85 -9.22
C SER B 238 4.15 -8.88 -9.31
N GLU B 239 3.58 -9.96 -9.86
CA GLU B 239 2.16 -10.02 -10.15
C GLU B 239 1.33 -10.49 -8.95
N TYR B 240 1.93 -10.67 -7.76
CA TYR B 240 1.27 -11.36 -6.65
C TYR B 240 0.16 -10.56 -5.96
N ASP B 241 0.05 -9.26 -6.22
CA ASP B 241 -1.09 -8.51 -5.71
C ASP B 241 -2.00 -8.02 -6.84
N GLN B 242 -2.01 -8.75 -7.97
CA GLN B 242 -2.77 -8.40 -9.18
C GLN B 242 -3.64 -9.56 -9.62
N ASN B 243 -4.72 -9.21 -10.32
CA ASN B 243 -5.65 -10.20 -10.87
C ASN B 243 -5.51 -10.27 -12.40
N LEU B 244 -6.03 -11.35 -12.96
CA LEU B 244 -5.88 -11.61 -14.39
C LEU B 244 -6.64 -10.59 -15.23
N PHE B 245 -6.10 -10.30 -16.42
CA PHE B 245 -6.86 -9.61 -17.43
C PHE B 245 -8.09 -10.43 -17.85
N GLU B 246 -7.91 -11.75 -18.05
CA GLU B 246 -9.00 -12.61 -18.52
C GLU B 246 -10.09 -12.78 -17.47
N ASP B 247 -9.77 -12.61 -16.19
CA ASP B 247 -10.71 -12.92 -15.11
C ASP B 247 -10.24 -12.16 -13.88
N GLU B 248 -10.90 -11.05 -13.58
CA GLU B 248 -10.41 -10.18 -12.52
C GLU B 248 -10.71 -10.71 -11.12
N GLY B 249 -11.27 -11.92 -11.00
CA GLY B 249 -11.39 -12.60 -9.73
C GLY B 249 -10.28 -13.58 -9.42
N LYS B 250 -9.27 -13.69 -10.30
CA LYS B 250 -8.21 -14.69 -10.17
C LYS B 250 -6.87 -14.00 -10.00
N ASN B 251 -6.18 -14.31 -8.90
CA ASN B 251 -4.88 -13.74 -8.63
C ASN B 251 -3.87 -14.22 -9.68
N ARG B 252 -3.04 -13.30 -10.19
CA ARG B 252 -2.11 -13.64 -11.27
C ARG B 252 -1.05 -14.66 -10.85
N MET B 253 -0.59 -14.61 -9.60
CA MET B 253 0.46 -15.53 -9.19
C MET B 253 -0.08 -16.94 -9.01
N VAL B 254 -1.32 -17.06 -8.56
CA VAL B 254 -1.97 -18.37 -8.51
C VAL B 254 -2.06 -18.95 -9.90
N GLU B 255 -2.40 -18.11 -10.88
CA GLU B 255 -2.49 -18.55 -12.27
C GLU B 255 -1.13 -18.99 -12.80
N THR B 256 -0.11 -18.16 -12.57
CA THR B 256 1.25 -18.52 -12.96
C THR B 256 1.65 -19.88 -12.38
N MET B 257 1.43 -20.08 -11.08
CA MET B 257 1.86 -21.34 -10.48
C MET B 257 1.03 -22.52 -10.94
N GLU B 258 -0.27 -22.35 -11.20
CA GLU B 258 -1.08 -23.44 -11.73
C GLU B 258 -0.70 -23.76 -13.17
N LEU B 259 -0.21 -22.77 -13.91
CA LEU B 259 0.18 -22.98 -15.30
C LEU B 259 1.47 -23.78 -15.38
N PHE B 260 2.47 -23.36 -14.60
CA PHE B 260 3.74 -24.08 -14.49
C PHE B 260 3.51 -25.55 -14.18
N GLU B 261 2.70 -25.82 -13.15
CA GLU B 261 2.37 -27.19 -12.78
C GLU B 261 1.67 -27.92 -13.94
N SER B 262 0.74 -27.26 -14.64
CA SER B 262 0.08 -27.96 -15.74
C SER B 262 1.04 -28.22 -16.90
N VAL B 263 2.02 -27.33 -17.12
CA VAL B 263 3.02 -27.58 -18.16
C VAL B 263 3.97 -28.72 -17.76
N LEU B 264 4.43 -28.74 -16.50
CA LEU B 264 5.28 -29.83 -16.03
C LEU B 264 4.54 -31.17 -16.05
N ARG B 265 3.23 -31.16 -15.83
CA ARG B 265 2.48 -32.40 -15.83
C ARG B 265 2.23 -32.93 -17.24
N HIS B 266 2.57 -32.18 -18.28
CA HIS B 266 2.23 -32.68 -19.62
C HIS B 266 3.27 -33.69 -20.11
N PRO B 267 2.81 -34.78 -20.72
CA PRO B 267 3.76 -35.87 -21.09
C PRO B 267 4.85 -35.45 -22.06
N SER B 268 4.61 -34.44 -22.89
CA SER B 268 5.59 -34.02 -23.89
C SER B 268 6.85 -33.46 -23.26
N PHE B 269 6.78 -32.98 -22.03
CA PHE B 269 7.90 -32.32 -21.36
C PHE B 269 8.51 -33.15 -20.25
N GLU B 270 8.13 -34.43 -20.16
CA GLU B 270 8.59 -35.29 -19.07
C GLU B 270 10.11 -35.28 -18.94
N LYS B 271 10.83 -35.29 -20.07
CA LYS B 271 12.30 -35.31 -20.08
C LYS B 271 12.84 -34.07 -20.81
N THR B 272 12.20 -32.93 -20.57
CA THR B 272 12.51 -31.67 -21.25
C THR B 272 12.99 -30.69 -20.19
N SER B 273 14.08 -30.00 -20.48
CA SER B 273 14.64 -29.08 -19.48
C SER B 273 13.81 -27.82 -19.40
N PHE B 274 13.73 -27.27 -18.20
CA PHE B 274 13.03 -26.01 -17.95
C PHE B 274 14.02 -24.97 -17.42
N LEU B 275 14.00 -23.80 -18.05
CA LEU B 275 14.67 -22.62 -17.51
C LEU B 275 13.55 -21.69 -17.10
N VAL B 276 13.40 -21.46 -15.79
CA VAL B 276 12.37 -20.56 -15.29
C VAL B 276 13.01 -19.20 -15.11
N PHE B 277 12.56 -18.24 -15.89
CA PHE B 277 12.91 -16.83 -15.71
C PHE B 277 11.85 -16.22 -14.81
N LEU B 278 12.19 -16.01 -13.55
CA LEU B 278 11.34 -15.29 -12.60
C LEU B 278 11.55 -13.82 -12.89
N ASN B 279 10.68 -13.27 -13.71
CA ASN B 279 10.92 -12.02 -14.43
C ASN B 279 10.33 -10.84 -13.66
N LYS B 280 10.56 -9.64 -14.19
CA LYS B 280 10.09 -8.40 -13.58
C LYS B 280 10.64 -8.26 -12.17
N TYR B 281 11.92 -8.62 -12.02
CA TYR B 281 12.60 -8.53 -10.74
C TYR B 281 12.74 -7.08 -10.29
N ASP B 282 12.95 -6.14 -11.22
CA ASP B 282 13.04 -4.72 -10.88
C ASP B 282 11.74 -4.19 -10.28
N ILE B 283 10.58 -4.63 -10.80
CA ILE B 283 9.33 -4.27 -10.14
C ILE B 283 9.23 -4.96 -8.79
N PHE B 284 9.54 -6.26 -8.76
CA PHE B 284 9.56 -7.02 -7.51
C PHE B 284 10.32 -6.28 -6.41
N ARG B 285 11.54 -5.81 -6.72
CA ARG B 285 12.35 -5.16 -5.67
C ARG B 285 11.61 -3.99 -5.02
N LYS B 286 10.80 -3.27 -5.80
CA LYS B 286 10.06 -2.14 -5.24
C LYS B 286 8.82 -2.62 -4.50
N LYS B 287 8.11 -3.58 -5.08
CA LYS B 287 6.80 -3.94 -4.55
C LYS B 287 6.94 -4.70 -3.23
N VAL B 288 7.93 -5.60 -3.15
CA VAL B 288 8.04 -6.45 -1.98
C VAL B 288 8.39 -5.68 -0.71
N LEU B 289 8.94 -4.47 -0.86
CA LEU B 289 9.16 -3.59 0.28
C LEU B 289 7.86 -2.93 0.75
N SER B 290 6.84 -2.85 -0.10
CA SER B 290 5.61 -2.14 0.22
C SER B 290 4.41 -3.05 0.41
N VAL B 291 4.38 -4.19 -0.26
CA VAL B 291 3.28 -5.13 -0.18
C VAL B 291 3.86 -6.46 0.31
N PRO B 292 3.48 -6.95 1.48
CA PRO B 292 3.98 -8.26 1.93
C PRO B 292 3.40 -9.36 1.07
N LEU B 293 4.21 -10.41 0.85
CA LEU B 293 3.78 -11.51 -0.01
C LEU B 293 2.55 -12.22 0.52
N ASN B 294 2.26 -12.05 1.83
CA ASN B 294 1.14 -12.71 2.48
C ASN B 294 -0.20 -12.29 1.90
N VAL B 295 -0.27 -11.19 1.17
CA VAL B 295 -1.55 -10.79 0.59
C VAL B 295 -2.00 -11.82 -0.43
N CYS B 296 -1.06 -12.48 -1.08
CA CYS B 296 -1.33 -13.51 -2.07
C CYS B 296 -1.60 -14.85 -1.40
N GLU B 297 -2.60 -15.57 -1.91
CA GLU B 297 -3.06 -16.80 -1.26
C GLU B 297 -1.97 -17.86 -1.16
N VAL B 298 -1.10 -17.97 -2.17
CA VAL B 298 -0.08 -19.02 -2.15
C VAL B 298 1.14 -18.68 -1.31
N PHE B 299 1.24 -17.45 -0.77
CA PHE B 299 2.37 -17.03 0.04
C PHE B 299 1.93 -16.73 1.47
N ARG B 300 0.90 -17.43 1.95
CA ARG B 300 0.33 -17.09 3.25
C ARG B 300 1.30 -17.35 4.39
N ASP B 301 2.19 -18.32 4.22
CA ASP B 301 3.15 -18.72 5.24
C ASP B 301 4.43 -17.88 5.23
N TYR B 302 4.49 -16.81 4.45
CA TYR B 302 5.68 -15.98 4.39
C TYR B 302 5.85 -15.17 5.66
N ASN B 303 7.10 -14.98 6.07
CA ASN B 303 7.42 -14.19 7.26
C ASN B 303 8.53 -13.23 6.87
N GLU B 304 8.16 -11.99 6.60
CA GLU B 304 9.10 -10.94 6.23
C GLU B 304 10.22 -10.87 7.26
N VAL B 305 11.43 -10.61 6.79
CA VAL B 305 12.60 -10.57 7.66
C VAL B 305 12.94 -9.13 8.00
N GLN B 306 13.83 -8.99 8.97
CA GLN B 306 14.36 -7.72 9.44
C GLN B 306 15.78 -7.56 8.93
N GLY B 307 16.12 -6.33 8.54
CA GLY B 307 17.42 -6.07 7.96
C GLY B 307 17.34 -5.01 6.88
N ASP B 308 18.45 -4.75 6.21
CA ASP B 308 18.45 -3.77 5.15
C ASP B 308 17.60 -4.28 3.96
N GLN B 309 17.36 -3.38 3.02
CA GLN B 309 16.45 -3.69 1.93
C GLN B 309 16.94 -4.90 1.15
N GLU B 310 18.25 -5.03 0.95
CA GLU B 310 18.74 -6.15 0.16
C GLU B 310 18.49 -7.48 0.86
N ARG B 311 18.56 -7.49 2.19
CA ARG B 311 18.25 -8.72 2.92
C ARG B 311 16.75 -9.04 2.82
N LYS B 312 15.90 -8.02 3.04
CA LYS B 312 14.46 -8.20 2.88
C LYS B 312 14.13 -8.80 1.52
N ILE B 313 14.69 -8.22 0.45
CA ILE B 313 14.45 -8.63 -0.92
C ILE B 313 14.98 -10.04 -1.18
N SER B 314 16.23 -10.31 -0.75
CA SER B 314 16.84 -11.62 -0.98
C SER B 314 16.01 -12.73 -0.37
N HIS B 315 15.53 -12.52 0.86
CA HIS B 315 14.77 -13.54 1.55
C HIS B 315 13.44 -13.81 0.85
N ALA B 316 12.75 -12.75 0.41
CA ALA B 316 11.50 -12.93 -0.32
C ALA B 316 11.75 -13.61 -1.66
N LEU B 317 12.83 -13.26 -2.35
CA LEU B 317 13.11 -13.93 -3.62
C LEU B 317 13.43 -15.41 -3.40
N GLN B 318 14.23 -15.74 -2.37
CA GLN B 318 14.54 -17.14 -2.14
C GLN B 318 13.30 -17.94 -1.75
N TYR B 319 12.35 -17.30 -1.06
CA TYR B 319 11.09 -17.95 -0.69
C TYR B 319 10.24 -18.27 -1.92
N ILE B 320 10.17 -17.36 -2.90
CA ILE B 320 9.38 -17.64 -4.10
C ILE B 320 10.06 -18.69 -4.95
N LYS B 321 11.39 -18.65 -5.02
CA LYS B 321 12.12 -19.67 -5.76
C LYS B 321 11.83 -21.05 -5.21
N ASN B 322 11.79 -21.17 -3.89
CA ASN B 322 11.53 -22.47 -3.28
C ASN B 322 10.10 -22.95 -3.56
N LYS B 323 9.12 -22.03 -3.58
CA LYS B 323 7.79 -22.39 -4.03
C LYS B 323 7.83 -23.00 -5.44
N PHE B 324 8.58 -22.36 -6.33
CA PHE B 324 8.64 -22.88 -7.69
C PHE B 324 9.39 -24.20 -7.76
N ASP B 325 10.46 -24.33 -7.00
CA ASP B 325 11.22 -25.57 -6.97
C ASP B 325 10.38 -26.71 -6.41
N GLU B 326 9.48 -26.42 -5.47
CA GLU B 326 8.64 -27.47 -4.91
C GLU B 326 7.61 -27.96 -5.92
N ILE B 327 7.11 -27.07 -6.78
CA ILE B 327 6.24 -27.51 -7.85
C ILE B 327 7.00 -28.44 -8.79
N TYR B 328 8.26 -28.12 -9.07
CA TYR B 328 9.05 -28.97 -9.94
C TYR B 328 9.30 -30.34 -9.29
N LYS B 329 9.68 -30.35 -8.01
CA LYS B 329 10.04 -31.61 -7.35
C LYS B 329 8.84 -32.57 -7.29
N ARG B 330 7.66 -32.08 -6.90
CA ARG B 330 6.53 -32.99 -6.75
C ARG B 330 5.90 -33.41 -8.07
N ASN B 331 6.40 -32.90 -9.20
CA ASN B 331 5.96 -33.34 -10.52
C ASN B 331 7.05 -34.04 -11.31
N THR B 332 8.20 -34.30 -10.70
CA THR B 332 9.38 -34.85 -11.37
C THR B 332 9.95 -35.99 -10.52
N PRO B 333 9.45 -37.21 -10.69
CA PRO B 333 9.92 -38.33 -9.86
C PRO B 333 11.41 -38.59 -9.92
N GLY B 334 12.02 -38.52 -11.10
CA GLY B 334 13.46 -38.71 -11.23
C GLY B 334 14.31 -37.51 -10.86
N LEU B 335 13.70 -36.39 -10.48
CA LEU B 335 14.40 -35.14 -10.15
C LEU B 335 15.32 -34.78 -11.31
N GLY B 336 16.59 -34.49 -11.07
CA GLY B 336 17.50 -34.14 -12.16
C GLY B 336 17.92 -35.32 -13.02
N THR B 337 17.66 -36.56 -12.59
CA THR B 337 17.84 -37.68 -13.51
C THR B 337 16.89 -37.57 -14.70
N GLN B 338 15.72 -36.96 -14.49
CA GLN B 338 14.64 -36.94 -15.46
C GLN B 338 14.67 -35.68 -16.31
N ARG B 339 14.73 -34.52 -15.68
CA ARG B 339 14.74 -33.25 -16.39
C ARG B 339 15.21 -32.18 -15.39
N LEU B 340 16.01 -31.22 -15.88
CA LEU B 340 16.50 -30.16 -15.00
C LEU B 340 15.54 -28.99 -15.00
N CYS B 341 15.49 -28.28 -13.89
CA CYS B 341 14.69 -27.08 -13.76
C CYS B 341 15.51 -26.05 -12.99
N TRP B 342 16.02 -25.05 -13.69
CA TRP B 342 16.82 -23.98 -13.09
C TRP B 342 16.00 -22.70 -13.02
N LEU B 343 16.18 -21.95 -11.93
CA LEU B 343 15.44 -20.74 -11.62
C LEU B 343 16.37 -19.52 -11.69
N PHE B 344 15.92 -18.46 -12.36
CA PHE B 344 16.73 -17.26 -12.53
C PHE B 344 15.86 -16.02 -12.33
N GLU B 345 16.23 -15.13 -11.41
CA GLU B 345 15.57 -13.84 -11.41
C GLU B 345 16.13 -13.03 -12.56
N THR B 346 15.25 -12.36 -13.29
CA THR B 346 15.63 -11.64 -14.50
C THR B 346 14.84 -10.34 -14.58
N THR B 347 15.35 -9.41 -15.38
CA THR B 347 14.61 -8.24 -15.84
C THR B 347 14.71 -8.21 -17.37
N ALA B 348 13.63 -8.59 -18.05
CA ALA B 348 13.70 -8.80 -19.50
C ALA B 348 14.03 -7.52 -20.27
N LEU B 349 13.74 -6.35 -19.69
CA LEU B 349 14.08 -5.09 -20.35
C LEU B 349 15.58 -4.82 -20.35
N ASP B 350 16.32 -5.41 -19.41
CA ASP B 350 17.68 -5.00 -19.12
C ASP B 350 18.69 -5.88 -19.86
N PRO B 351 19.32 -5.40 -20.94
CA PRO B 351 20.27 -6.27 -21.66
C PRO B 351 21.40 -6.81 -20.79
N ARG B 352 21.93 -6.00 -19.87
CA ARG B 352 23.03 -6.46 -19.03
C ARG B 352 22.61 -7.67 -18.19
N ILE B 353 21.43 -7.60 -17.56
CA ILE B 353 20.97 -8.70 -16.70
C ILE B 353 20.62 -9.93 -17.56
N MET B 354 20.09 -9.72 -18.76
CA MET B 354 19.82 -10.84 -19.64
C MET B 354 21.11 -11.48 -20.15
N LYS B 355 22.09 -10.66 -20.54
CA LYS B 355 23.38 -11.24 -20.95
C LYS B 355 24.00 -12.06 -19.81
N TYR B 356 23.91 -11.56 -18.58
CA TYR B 356 24.38 -12.32 -17.43
C TYR B 356 23.57 -13.61 -17.25
N THR B 357 22.25 -13.53 -17.41
CA THR B 357 21.40 -14.70 -17.18
C THR B 357 21.70 -15.80 -18.18
N PHE B 358 21.88 -15.46 -19.45
CA PHE B 358 22.21 -16.47 -20.43
C PHE B 358 23.62 -16.99 -20.24
N GLU B 359 24.54 -16.15 -19.79
CA GLU B 359 25.86 -16.69 -19.49
C GLU B 359 25.83 -17.55 -18.24
N LEU B 360 24.94 -17.27 -17.30
CA LEU B 360 24.83 -18.15 -16.14
C LEU B 360 24.31 -19.53 -16.54
N VAL B 361 23.40 -19.59 -17.51
CA VAL B 361 22.92 -20.88 -18.00
C VAL B 361 24.07 -21.70 -18.56
N ASP B 362 24.90 -21.08 -19.40
CA ASP B 362 26.07 -21.80 -19.93
C ASP B 362 26.98 -22.24 -18.80
N LYS B 363 27.16 -21.38 -17.80
CA LYS B 363 28.05 -21.71 -16.69
C LYS B 363 27.49 -22.86 -15.87
N ASN B 364 26.16 -22.90 -15.69
CA ASN B 364 25.53 -24.03 -15.02
C ASN B 364 25.73 -25.31 -15.82
N LEU B 365 25.54 -25.24 -17.14
CA LEU B 365 25.72 -26.42 -17.98
C LEU B 365 27.16 -26.92 -17.91
N VAL B 366 28.14 -26.02 -18.02
CA VAL B 366 29.54 -26.44 -18.04
C VAL B 366 29.88 -27.20 -16.75
N VAL B 367 29.50 -26.64 -15.60
CA VAL B 367 29.88 -27.25 -14.33
C VAL B 367 29.06 -28.52 -14.06
N SER B 368 27.84 -28.61 -14.59
CA SER B 368 27.03 -29.83 -14.55
C SER B 368 27.43 -30.87 -15.59
N SER B 369 28.42 -30.58 -16.43
CA SER B 369 28.73 -31.32 -17.66
C SER B 369 27.48 -31.92 -18.27
N ILE B 370 26.56 -31.06 -18.64
CA ILE B 370 25.33 -31.43 -19.32
C ILE B 370 25.43 -30.97 -20.77
N SER B 371 25.10 -31.85 -21.70
CA SER B 371 24.94 -31.47 -23.11
C SER B 371 23.48 -31.68 -23.55
MG MG C . -4.10 11.90 26.42
PG GSP D . -1.68 10.08 24.99
O3B GSP D . -2.62 9.96 23.69
S1G GSP D . -0.08 10.48 24.40
O2G GSP D . -1.68 8.74 25.78
O3G GSP D . -2.29 11.12 25.93
PB GSP D . -4.22 9.79 23.77
O1B GSP D . -4.65 8.36 23.86
O2B GSP D . -4.80 10.66 24.82
PA GSP D . -5.37 11.60 21.89
O1A GSP D . -6.68 11.65 22.56
O2A GSP D . -4.57 12.81 22.22
O3A GSP D . -4.63 10.22 22.25
O5' GSP D . -5.48 11.41 20.30
C5' GSP D . -4.38 11.73 19.49
C4' GSP D . -4.88 12.51 18.29
O4' GSP D . -5.64 11.67 17.45
C3' GSP D . -5.74 13.70 18.66
O3' GSP D . -5.30 14.77 17.87
C2' GSP D . -7.12 13.34 18.17
O2' GSP D . -7.71 14.44 17.54
C1' GSP D . -6.88 12.27 17.13
N9 GSP D . -7.95 11.27 17.19
C8 GSP D . -8.41 10.66 18.32
N7 GSP D . -9.40 9.79 17.96
C5 GSP D . -9.59 9.85 16.63
C6 GSP D . -10.47 9.19 15.78
O6 GSP D . -11.27 8.37 16.20
N1 GSP D . -10.42 9.46 14.44
C2 GSP D . -9.52 10.39 13.96
N2 GSP D . -9.49 10.65 12.66
N3 GSP D . -8.66 11.03 14.81
C4 GSP D . -8.68 10.77 16.13
MG MG E . 3.91 -11.76 -26.22
PG GSP F . 1.51 -12.15 -23.91
O3B GSP F . 2.46 -11.36 -22.87
S1G GSP F . -0.07 -11.41 -23.83
O2G GSP F . 1.46 -13.65 -23.53
O3G GSP F . 2.15 -12.05 -25.30
PB GSP F . 4.07 -11.49 -22.82
O1B GSP F . 4.43 -12.58 -21.86
O2B GSP F . 4.64 -11.64 -24.18
PA GSP F . 5.38 -8.97 -22.80
O1A GSP F . 6.72 -9.46 -23.24
O2A GSP F . 4.62 -8.38 -23.93
O3A GSP F . 4.55 -10.14 -22.08
O5' GSP F . 5.54 -7.96 -21.56
C5' GSP F . 4.48 -7.12 -21.19
C4' GSP F . 5.02 -5.72 -20.87
O4' GSP F . 5.79 -5.78 -19.70
C3' GSP F . 5.88 -5.12 -21.95
O3' GSP F . 5.56 -3.76 -22.01
C2' GSP F . 7.28 -5.18 -21.39
O2' GSP F . 7.92 -3.97 -21.68
C1' GSP F . 7.07 -5.24 -19.89
N9 GSP F . 8.11 -6.06 -19.25
C8 GSP F . 8.55 -7.29 -19.64
N7 GSP F . 9.52 -7.67 -18.78
C5 GSP F . 9.70 -6.73 -17.84
C6 GSP F . 10.56 -6.62 -16.73
O6 GSP F . 11.37 -7.51 -16.44
N1 GSP F . 10.50 -5.49 -15.95
C2 GSP F . 9.60 -4.49 -16.27
N2 GSP F . 9.55 -3.40 -15.51
N3 GSP F . 8.77 -4.60 -17.35
C4 GSP F . 8.81 -5.70 -18.13
#